data_3G82
#
_entry.id   3G82
#
_cell.length_a   117.637
_cell.length_b   133.423
_cell.length_c   70.642
_cell.angle_alpha   90.00
_cell.angle_beta   90.00
_cell.angle_gamma   90.00
#
_symmetry.space_group_name_H-M   'P 21 21 2'
#
loop_
_entity.id
_entity.type
_entity.pdbx_description
1 polymer 'Adenylate cyclase type 5'
2 polymer 'Adenylate cyclase type 2'
3 polymer 'Guanine nucleotide-binding protein G(s) subunit alpha isoforms short'
4 non-polymer 'MANGANESE (II) ION'
5 non-polymer FORSKOLIN
6 non-polymer "3'-O-{[2-(methylamino)phenyl]carbonyl}inosine 5'-(tetrahydrogen triphosphate)"
7 non-polymer 'MAGNESIUM ION'
8 non-polymer 'CHLORIDE ION'
9 non-polymer "5'-GUANOSINE-DIPHOSPHATE-MONOTHIOPHOSPHATE"
10 water water
#
loop_
_entity_poly.entity_id
_entity_poly.type
_entity_poly.pdbx_seq_one_letter_code
_entity_poly.pdbx_strand_id
1 'polypeptide(L)'
;MHHHHHHAMEMKADINAKQEDMMFHKIYIQKHDNVSILFADIEGFTSLASQCTAQELVMTLNELFARFDKLAAENHCLRI
KILGDCYYCVSGLPEARADHAHCCVEMGMDMIEAISLVREMTGVNVNMRVGIHSGRVHCGVLGLRKWQFDVWSNDVTLAN
HMEAGGKAGRIHITKATLSYLNGDYEVEPGCGGERNAYLKEHSIETFLILRCTQKRKEEKAMIAK
;
A
2 'polypeptide(L)'
;RSLKNEELYHQSYDCVCVMFASIPDFKEFYTESDVNKEGLECLRLLNEIIADFDDLLSKPKFSGVEKIKTIGSTYMAATG
LSAIPSQEHAQEPERQYMHIGTMVEFAYALVGKLDAINKHSFNDFKLRVGINHGPVIAGVIGAQKPQYDIWGNTVNVASR
MDSTGVLDKIQVTEETSLILQTLGYTCTCRGIINVKGKGDLKTYFVNTEMSR
;
B
3 'polypeptide(L)'
;MGCLGNSKTEDQRNEEKAQREANKKIEKQLQKDKQVYRATHRLLLLGAGESGKSTIVKQMRILHVNGFNGEGGEEDPQAA
RSNSDGEKATKVQDIKNNLKEAIETIVAAMSNLVPPVELANPENQFRVDYILSVMNVPDFDFPPEFYEHAKALWEDEGVR
ACYERSNEYQLIDCAQYFLDKIDVIKQDDYVPSDQDLLRCRVLTSGIFETKFQVDKVNFHMFDVGGQRDERRKWIQCFND
VTAIIFVVASSSYNMVIREDNQTNRLQEALNLFKSIWNNRWLRTISVILFLNKQDLLAEKVLAGKSKIEDYFPEFARYTT
PEDATPEPGEDPRVTRAKYFIRDEFLRISTASGDGRHYCYPHFTCAVDTENIRRVFNDCRDIIQRMHLRQYELL
;
C
#
# COMPACT_ATOMS: atom_id res chain seq x y z
N MET A 22 10.66 -1.72 19.22
CA MET A 22 11.03 -3.17 19.15
C MET A 22 10.59 -3.82 17.83
N MET A 23 9.31 -3.64 17.46
CA MET A 23 8.72 -4.28 16.28
C MET A 23 9.30 -3.76 14.98
N PHE A 24 8.96 -2.51 14.67
CA PHE A 24 9.60 -1.77 13.59
C PHE A 24 10.95 -1.28 14.09
N HIS A 25 11.70 -0.60 13.22
CA HIS A 25 12.84 0.18 13.67
C HIS A 25 12.28 1.52 14.14
N LYS A 26 13.11 2.29 14.84
CA LYS A 26 12.72 3.64 15.21
C LYS A 26 12.71 4.54 13.98
N ILE A 27 11.52 5.00 13.60
CA ILE A 27 11.40 6.02 12.56
C ILE A 27 11.92 7.35 13.08
N TYR A 28 12.92 7.91 12.40
CA TYR A 28 13.41 9.23 12.76
C TYR A 28 12.73 10.28 11.88
N ILE A 29 11.40 10.19 11.80
CA ILE A 29 10.56 11.07 11.00
C ILE A 29 9.52 11.73 11.89
N GLN A 30 8.96 12.84 11.40
CA GLN A 30 7.94 13.61 12.14
C GLN A 30 7.16 14.51 11.17
N LYS A 31 5.89 14.78 11.50
CA LYS A 31 5.08 15.70 10.70
C LYS A 31 5.43 17.15 11.01
N HIS A 32 5.33 17.98 9.97
CA HIS A 32 5.42 19.42 10.10
C HIS A 32 4.38 20.06 9.18
N ASP A 33 3.54 20.94 9.75
CA ASP A 33 2.57 21.72 8.99
C ASP A 33 3.11 23.08 8.59
N ASN A 34 2.31 23.82 7.82
CA ASN A 34 2.63 25.21 7.42
C ASN A 34 4.08 25.43 6.99
N VAL A 35 4.53 24.64 6.01
CA VAL A 35 5.89 24.74 5.48
C VAL A 35 5.91 24.91 3.96
N SER A 36 7.06 25.34 3.44
CA SER A 36 7.21 25.63 2.02
C SER A 36 8.40 24.88 1.42
N ILE A 37 8.14 24.15 0.34
CA ILE A 37 9.17 23.32 -0.30
C ILE A 37 9.61 23.89 -1.65
N LEU A 38 10.91 24.13 -1.78
CA LEU A 38 11.50 24.73 -2.99
C LEU A 38 12.36 23.76 -3.79
N PHE A 39 12.09 23.70 -5.10
CA PHE A 39 12.81 22.84 -6.03
C PHE A 39 13.34 23.68 -7.19
N ALA A 40 14.50 23.30 -7.70
CA ALA A 40 15.11 23.98 -8.84
C ALA A 40 16.12 23.11 -9.58
N ASP A 41 16.00 23.09 -10.91
CA ASP A 41 16.82 22.23 -11.76
C ASP A 41 17.51 23.05 -12.86
N ILE A 42 18.62 22.54 -13.38
CA ILE A 42 19.33 23.20 -14.47
C ILE A 42 18.58 23.01 -15.78
N GLU A 43 18.25 24.12 -16.42
CA GLU A 43 17.71 24.12 -17.78
C GLU A 43 18.85 23.83 -18.75
N GLY A 44 18.70 22.75 -19.51
CA GLY A 44 19.68 22.39 -20.54
C GLY A 44 21.04 21.99 -19.99
N PHE A 45 21.03 21.12 -18.98
CA PHE A 45 22.26 20.58 -18.40
C PHE A 45 22.92 19.57 -19.33
N THR A 46 22.11 18.71 -19.95
CA THR A 46 22.59 17.66 -20.83
C THR A 46 23.18 18.26 -22.10
N SER A 47 22.58 19.36 -22.56
CA SER A 47 23.09 20.13 -23.69
C SER A 47 24.45 20.73 -23.34
N LEU A 48 24.57 21.17 -22.09
CA LEU A 48 25.81 21.74 -21.58
C LEU A 48 26.86 20.65 -21.35
N ALA A 49 26.42 19.50 -20.84
CA ALA A 49 27.31 18.37 -20.55
C ALA A 49 28.01 17.83 -21.79
N SER A 50 27.77 18.48 -22.93
CA SER A 50 28.35 18.06 -24.21
C SER A 50 29.68 18.76 -24.47
N GLN A 51 29.82 19.95 -23.89
CA GLN A 51 30.95 20.83 -24.17
C GLN A 51 32.09 20.60 -23.18
N CYS A 52 31.83 20.88 -21.92
CA CYS A 52 32.85 20.88 -20.87
C CYS A 52 33.20 19.46 -20.43
N THR A 53 34.40 19.31 -19.87
CA THR A 53 34.85 18.04 -19.32
C THR A 53 34.04 17.68 -18.08
N ALA A 54 33.99 16.39 -17.77
CA ALA A 54 33.25 15.88 -16.62
C ALA A 54 33.60 16.62 -15.33
N GLN A 55 34.88 16.87 -15.12
CA GLN A 55 35.38 17.56 -13.92
C GLN A 55 35.05 19.06 -13.93
N GLU A 56 34.92 19.63 -15.12
CA GLU A 56 34.59 21.05 -15.28
C GLU A 56 33.18 21.34 -14.80
N LEU A 57 32.28 20.38 -15.03
CA LEU A 57 30.89 20.47 -14.58
C LEU A 57 30.81 20.46 -13.07
N VAL A 58 31.49 19.49 -12.47
CA VAL A 58 31.50 19.30 -11.02
C VAL A 58 32.10 20.52 -10.34
N MET A 59 33.03 21.19 -11.02
CA MET A 59 33.52 22.49 -10.59
C MET A 59 32.38 23.50 -10.52
N THR A 60 31.71 23.71 -11.65
CA THR A 60 30.63 24.69 -11.76
C THR A 60 29.51 24.38 -10.78
N LEU A 61 29.07 23.13 -10.78
CA LEU A 61 28.02 22.62 -9.90
C LEU A 61 28.33 22.99 -8.46
N ASN A 62 29.51 22.56 -7.99
CA ASN A 62 29.96 22.83 -6.62
C ASN A 62 30.11 24.32 -6.35
N GLU A 63 30.66 25.04 -7.33
CA GLU A 63 30.76 26.50 -7.26
C GLU A 63 29.39 27.13 -7.07
N LEU A 64 28.41 26.61 -7.81
CA LEU A 64 27.04 27.08 -7.74
C LEU A 64 26.38 26.80 -6.39
N PHE A 65 26.40 25.53 -5.98
CA PHE A 65 25.66 25.10 -4.79
C PHE A 65 26.29 25.55 -3.47
N ALA A 66 27.61 25.61 -3.42
CA ALA A 66 28.28 26.20 -2.26
C ALA A 66 27.76 27.63 -2.07
N ARG A 67 27.60 28.33 -3.19
CA ARG A 67 26.98 29.65 -3.22
C ARG A 67 25.51 29.54 -2.81
N PHE A 68 24.81 28.54 -3.35
CA PHE A 68 23.40 28.29 -3.01
C PHE A 68 23.21 28.03 -1.51
N ASP A 69 24.10 27.23 -0.93
CA ASP A 69 24.07 26.90 0.49
C ASP A 69 24.35 28.12 1.38
N LYS A 70 25.12 29.07 0.84
CA LYS A 70 25.39 30.35 1.52
C LYS A 70 24.13 31.21 1.56
N LEU A 71 23.42 31.26 0.44
CA LEU A 71 22.19 32.05 0.35
C LEU A 71 21.12 31.51 1.29
N ALA A 72 21.03 30.18 1.36
CA ALA A 72 20.05 29.49 2.20
C ALA A 72 19.95 30.09 3.60
N ALA A 73 21.07 30.08 4.33
CA ALA A 73 21.12 30.56 5.71
C ALA A 73 20.63 32.00 5.89
N GLU A 74 20.89 32.85 4.89
CA GLU A 74 20.49 34.26 4.92
C GLU A 74 18.97 34.41 4.86
N ASN A 75 18.33 33.58 4.05
CA ASN A 75 16.89 33.64 3.84
C ASN A 75 16.11 32.76 4.79
N HIS A 76 16.76 32.29 5.84
CA HIS A 76 16.18 31.33 6.80
C HIS A 76 15.70 30.04 6.10
N CYS A 77 16.57 29.49 5.24
CA CYS A 77 16.27 28.27 4.48
C CYS A 77 17.18 27.12 4.86
N LEU A 78 16.62 25.91 4.93
CA LEU A 78 17.40 24.70 5.20
C LEU A 78 17.49 23.85 3.94
N ARG A 79 18.73 23.69 3.46
CA ARG A 79 19.03 22.80 2.33
C ARG A 79 18.76 21.35 2.72
N ILE A 80 18.09 20.64 1.82
CA ILE A 80 17.79 19.25 2.06
C ILE A 80 18.84 18.36 1.38
N LYS A 81 18.76 18.26 0.05
CA LYS A 81 19.62 17.35 -0.70
C LYS A 81 19.92 17.88 -2.11
N ILE A 82 21.07 17.46 -2.66
CA ILE A 82 21.44 17.79 -4.04
C ILE A 82 21.43 16.54 -4.90
N LEU A 83 20.60 16.54 -5.93
CA LEU A 83 20.58 15.44 -6.89
C LEU A 83 21.20 15.91 -8.22
N GLY A 84 22.53 15.81 -8.29
CA GLY A 84 23.27 16.22 -9.48
C GLY A 84 23.00 17.67 -9.85
N ASP A 85 22.19 17.88 -10.88
CA ASP A 85 21.85 19.24 -11.33
C ASP A 85 20.61 19.81 -10.63
N CYS A 86 20.05 19.03 -9.71
CA CYS A 86 18.88 19.46 -8.95
C CYS A 86 19.25 19.85 -7.52
N TYR A 87 18.77 21.03 -7.14
CA TYR A 87 18.96 21.56 -5.81
C TYR A 87 17.58 21.77 -5.22
N TYR A 88 17.38 21.38 -3.97
CA TYR A 88 16.12 21.66 -3.31
C TYR A 88 16.24 21.83 -1.80
N CYS A 89 15.76 22.97 -1.33
CA CYS A 89 15.78 23.33 0.08
C CYS A 89 14.37 23.53 0.55
N VAL A 90 14.20 23.69 1.86
CA VAL A 90 12.89 23.93 2.45
C VAL A 90 12.93 25.24 3.28
N SER A 91 11.76 25.68 3.73
CA SER A 91 11.68 26.81 4.66
C SER A 91 10.58 26.56 5.71
N GLY A 92 10.99 26.54 6.96
CA GLY A 92 10.10 26.26 8.07
C GLY A 92 10.65 25.15 8.95
N LEU A 93 11.97 25.07 9.02
CA LEU A 93 12.66 24.09 9.86
C LEU A 93 13.93 24.64 10.52
N PRO A 94 14.42 24.00 11.60
CA PRO A 94 13.83 22.86 12.32
C PRO A 94 12.60 23.27 13.14
N GLU A 95 12.65 24.49 13.68
CA GLU A 95 11.51 25.13 14.32
C GLU A 95 10.75 25.92 13.28
N ALA A 96 9.48 26.18 13.53
CA ALA A 96 8.57 26.79 12.56
C ALA A 96 8.74 28.30 12.37
N ARG A 97 8.10 28.82 11.33
CA ARG A 97 8.00 30.26 11.08
C ARG A 97 6.70 30.58 10.31
N ALA A 98 6.03 31.64 10.72
CA ALA A 98 4.83 32.12 10.01
C ALA A 98 5.20 32.86 8.73
N ASP A 99 6.45 33.32 8.66
CA ASP A 99 6.99 34.04 7.52
C ASP A 99 7.58 33.09 6.48
N HIS A 100 7.30 31.79 6.63
CA HIS A 100 7.98 30.73 5.87
C HIS A 100 7.94 30.83 4.35
N ALA A 101 6.79 31.21 3.79
CA ALA A 101 6.62 31.23 2.34
C ALA A 101 7.37 32.37 1.63
N HIS A 102 7.49 33.51 2.31
CA HIS A 102 8.28 34.65 1.79
C HIS A 102 9.73 34.24 1.56
N CYS A 103 10.26 33.52 2.53
CA CYS A 103 11.64 33.03 2.50
C CYS A 103 11.97 32.33 1.18
N CYS A 104 11.28 31.24 0.89
CA CYS A 104 11.49 30.47 -0.34
C CYS A 104 11.51 31.38 -1.56
N VAL A 105 10.52 32.26 -1.64
CA VAL A 105 10.43 33.22 -2.74
C VAL A 105 11.67 34.11 -2.75
N GLU A 106 12.02 34.67 -1.60
CA GLU A 106 13.23 35.49 -1.49
C GLU A 106 14.49 34.68 -1.77
N MET A 107 14.46 33.40 -1.43
CA MET A 107 15.54 32.46 -1.72
C MET A 107 15.68 32.28 -3.23
N GLY A 108 14.56 31.98 -3.87
CA GLY A 108 14.51 31.84 -5.33
C GLY A 108 15.07 33.07 -6.02
N MET A 109 14.67 34.24 -5.54
CA MET A 109 15.14 35.53 -6.06
C MET A 109 16.67 35.60 -6.13
N ASP A 110 17.32 35.39 -4.99
CA ASP A 110 18.77 35.35 -4.91
C ASP A 110 19.36 34.19 -5.72
N MET A 111 18.68 33.03 -5.68
CA MET A 111 19.06 31.86 -6.49
C MET A 111 19.11 32.16 -7.99
N ILE A 112 18.13 32.96 -8.45
CA ILE A 112 18.03 33.37 -9.84
C ILE A 112 19.25 34.18 -10.26
N GLU A 113 19.52 35.28 -9.54
CA GLU A 113 20.62 36.17 -9.89
C GLU A 113 21.97 35.49 -9.69
N ALA A 114 22.07 34.66 -8.66
CA ALA A 114 23.29 33.92 -8.35
C ALA A 114 23.70 32.99 -9.49
N ILE A 115 22.73 32.46 -10.22
CA ILE A 115 23.02 31.61 -11.38
C ILE A 115 23.58 32.40 -12.56
N SER A 116 23.13 33.65 -12.70
CA SER A 116 23.59 34.54 -13.78
C SER A 116 25.03 34.99 -13.58
N LEU A 117 25.44 35.08 -12.31
CA LEU A 117 26.80 35.46 -11.96
C LEU A 117 27.76 34.28 -12.09
N VAL A 118 27.22 33.07 -11.92
CA VAL A 118 28.00 31.84 -12.13
C VAL A 118 27.98 31.48 -13.62
N ARG A 119 27.04 32.07 -14.35
CA ARG A 119 27.00 31.94 -15.80
C ARG A 119 28.26 32.55 -16.43
N GLU A 120 28.86 33.50 -15.71
CA GLU A 120 30.13 34.14 -16.11
C GLU A 120 31.24 33.09 -16.25
N MET A 121 31.24 32.10 -15.37
CA MET A 121 32.30 31.09 -15.31
C MET A 121 32.15 29.98 -16.34
N THR A 122 30.91 29.54 -16.56
CA THR A 122 30.62 28.58 -17.62
C THR A 122 30.88 29.18 -18.99
N GLY A 123 30.47 30.43 -19.17
CA GLY A 123 30.53 31.09 -20.48
C GLY A 123 29.47 30.53 -21.41
N VAL A 124 28.63 29.64 -20.88
CA VAL A 124 27.57 28.99 -21.64
C VAL A 124 26.19 29.29 -21.03
N ASN A 125 25.14 29.07 -21.81
CA ASN A 125 23.76 29.42 -21.43
C ASN A 125 23.14 28.54 -20.32
N VAL A 126 23.60 28.72 -19.09
CA VAL A 126 23.05 27.99 -17.96
C VAL A 126 21.89 28.75 -17.32
N ASN A 127 20.85 28.01 -16.93
CA ASN A 127 19.67 28.60 -16.29
C ASN A 127 18.98 27.70 -15.27
N MET A 128 18.44 28.33 -14.24
CA MET A 128 17.69 27.62 -13.21
C MET A 128 16.18 27.71 -13.48
N ARG A 129 15.45 26.74 -12.95
CA ARG A 129 13.99 26.70 -13.06
C ARG A 129 13.38 26.39 -11.70
N VAL A 130 12.82 27.40 -11.06
CA VAL A 130 12.33 27.29 -9.69
C VAL A 130 10.88 26.79 -9.63
N GLY A 131 10.58 26.00 -8.61
CA GLY A 131 9.22 25.57 -8.32
C GLY A 131 8.98 25.51 -6.82
N ILE A 132 8.01 26.27 -6.34
CA ILE A 132 7.71 26.33 -4.91
C ILE A 132 6.27 25.95 -4.62
N HIS A 133 6.09 25.02 -3.68
CA HIS A 133 4.78 24.73 -3.12
C HIS A 133 4.82 24.74 -1.59
N SER A 134 3.76 25.27 -0.99
CA SER A 134 3.63 25.36 0.47
C SER A 134 2.52 24.43 1.00
N GLY A 135 2.85 23.59 1.97
CA GLY A 135 1.88 22.64 2.53
C GLY A 135 2.35 21.95 3.80
N ARG A 136 2.20 20.62 3.83
CA ARG A 136 2.70 19.83 4.96
C ARG A 136 3.72 18.81 4.50
N VAL A 137 4.71 18.52 5.37
CA VAL A 137 5.70 17.50 5.09
C VAL A 137 5.80 16.48 6.23
N HIS A 138 6.40 15.34 5.91
CA HIS A 138 7.06 14.53 6.91
C HIS A 138 8.54 14.67 6.61
N CYS A 139 9.37 14.70 7.65
CA CYS A 139 10.82 14.85 7.44
C CYS A 139 11.68 14.12 8.46
N GLY A 140 12.87 13.74 8.00
CA GLY A 140 13.84 13.03 8.82
C GLY A 140 14.86 12.27 7.99
N VAL A 141 15.00 10.98 8.28
CA VAL A 141 15.96 10.10 7.61
C VAL A 141 15.48 8.64 7.55
N LEU A 142 15.77 7.98 6.43
CA LEU A 142 15.41 6.58 6.27
C LEU A 142 16.59 5.62 6.35
N GLY A 143 16.29 4.31 6.42
CA GLY A 143 17.29 3.25 6.49
C GLY A 143 18.12 3.25 7.76
N LEU A 144 19.31 2.68 7.67
CA LEU A 144 20.23 2.59 8.80
C LEU A 144 21.58 3.24 8.49
N ARG A 145 22.13 2.90 7.33
CA ARG A 145 23.47 3.31 6.92
C ARG A 145 23.42 4.55 6.03
N LYS A 146 24.45 5.40 6.17
CA LYS A 146 24.59 6.66 5.44
C LYS A 146 23.31 7.46 5.35
N TRP A 147 22.91 8.07 6.46
CA TRP A 147 21.73 8.92 6.46
C TRP A 147 21.93 10.21 5.69
N GLN A 148 20.85 10.67 5.07
CA GLN A 148 20.77 11.97 4.47
C GLN A 148 19.40 12.56 4.81
N PHE A 149 19.37 13.85 5.15
CA PHE A 149 18.13 14.54 5.46
C PHE A 149 17.26 14.62 4.21
N ASP A 150 15.96 14.45 4.39
CA ASP A 150 15.02 14.48 3.26
C ASP A 150 13.62 14.87 3.74
N VAL A 151 12.72 15.09 2.78
CA VAL A 151 11.32 15.43 3.06
C VAL A 151 10.35 14.67 2.15
N TRP A 152 9.19 14.32 2.68
CA TRP A 152 8.21 13.54 1.93
C TRP A 152 6.76 13.93 2.23
N SER A 153 5.97 14.00 1.16
CA SER A 153 4.52 14.19 1.22
C SER A 153 4.00 14.36 -0.20
N ASN A 154 2.68 14.33 -0.36
CA ASN A 154 2.07 14.69 -1.63
C ASN A 154 2.51 16.10 -2.00
N ASP A 155 2.47 16.99 -1.01
CA ASP A 155 2.88 18.38 -1.21
C ASP A 155 4.31 18.46 -1.72
N VAL A 156 5.19 17.62 -1.17
CA VAL A 156 6.59 17.57 -1.62
C VAL A 156 6.64 17.00 -3.03
N THR A 157 5.80 16.01 -3.31
CA THR A 157 5.70 15.45 -4.66
C THR A 157 5.34 16.56 -5.64
N LEU A 158 4.39 17.41 -5.25
CA LEU A 158 3.96 18.55 -6.08
C LEU A 158 5.09 19.52 -6.34
N ALA A 159 5.73 19.98 -5.27
CA ALA A 159 6.83 20.94 -5.36
C ALA A 159 7.76 20.65 -6.54
N ASN A 160 8.11 19.37 -6.69
CA ASN A 160 8.99 18.92 -7.76
C ASN A 160 8.39 19.08 -9.15
N HIS A 161 7.07 18.92 -9.23
CA HIS A 161 6.36 19.07 -10.48
C HIS A 161 6.11 20.54 -10.82
N MET A 162 6.15 21.40 -9.80
CA MET A 162 6.16 22.84 -10.01
C MET A 162 7.46 23.26 -10.69
N GLU A 163 8.56 22.75 -10.16
CA GLU A 163 9.88 22.94 -10.78
C GLU A 163 9.83 22.43 -12.21
N ALA A 164 9.38 21.18 -12.37
CA ALA A 164 9.35 20.49 -13.67
C ALA A 164 8.52 21.25 -14.70
N GLY A 165 7.29 21.60 -14.32
CA GLY A 165 6.41 22.38 -15.18
C GLY A 165 6.59 23.87 -15.00
N GLY A 166 7.81 24.29 -14.70
CA GLY A 166 8.12 25.70 -14.46
C GLY A 166 8.62 26.43 -15.69
N LYS A 167 9.09 27.65 -15.47
CA LYS A 167 9.60 28.51 -16.55
C LYS A 167 11.04 28.91 -16.27
N ALA A 168 11.81 29.06 -17.35
CA ALA A 168 13.25 29.32 -17.30
C ALA A 168 13.60 30.68 -16.67
N GLY A 169 14.40 30.63 -15.61
CA GLY A 169 14.82 31.82 -14.89
C GLY A 169 13.69 32.48 -14.11
N ARG A 170 12.60 31.74 -13.92
CA ARG A 170 11.41 32.27 -13.25
C ARG A 170 10.96 31.39 -12.10
N ILE A 171 10.19 31.98 -11.20
CA ILE A 171 9.82 31.35 -9.93
C ILE A 171 8.36 30.87 -9.94
N HIS A 172 8.19 29.55 -10.08
CA HIS A 172 6.87 28.96 -10.24
C HIS A 172 6.25 28.64 -8.86
N ILE A 173 5.12 29.27 -8.56
CA ILE A 173 4.45 29.08 -7.27
C ILE A 173 3.00 28.59 -7.38
N THR A 174 2.54 27.92 -6.32
CA THR A 174 1.23 27.27 -6.28
C THR A 174 0.19 28.20 -5.66
N LYS A 175 -1.08 27.87 -5.87
CA LYS A 175 -2.20 28.57 -5.23
C LYS A 175 -2.03 28.65 -3.72
N ALA A 176 -1.55 27.57 -3.13
CA ALA A 176 -1.34 27.48 -1.68
C ALA A 176 -0.18 28.36 -1.23
N THR A 177 0.84 28.49 -2.08
CA THR A 177 2.03 29.30 -1.79
C THR A 177 1.70 30.80 -1.80
N LEU A 178 0.78 31.21 -2.67
CA LEU A 178 0.38 32.61 -2.74
C LEU A 178 -0.45 33.04 -1.52
N SER A 179 -1.24 32.12 -0.98
CA SER A 179 -2.08 32.41 0.19
C SER A 179 -1.27 32.65 1.47
N TYR A 180 -0.08 32.05 1.53
CA TYR A 180 0.88 32.32 2.61
C TYR A 180 1.78 33.50 2.25
N LEU A 181 1.69 33.97 1.01
CA LEU A 181 2.60 34.99 0.50
C LEU A 181 2.10 36.41 0.73
N ASN A 182 0.94 36.52 1.37
CA ASN A 182 0.35 37.80 1.79
C ASN A 182 0.21 38.86 0.69
N GLY A 183 0.29 38.43 -0.57
CA GLY A 183 0.14 39.31 -1.73
C GLY A 183 1.15 40.44 -1.80
N ASP A 184 2.39 40.15 -1.40
CA ASP A 184 3.45 41.15 -1.38
C ASP A 184 4.16 41.25 -2.72
N TYR A 185 4.17 40.15 -3.47
CA TYR A 185 4.81 40.12 -4.79
C TYR A 185 3.79 40.08 -5.91
N GLU A 186 4.18 40.62 -7.06
CA GLU A 186 3.32 40.73 -8.23
C GLU A 186 3.48 39.49 -9.11
N VAL A 187 2.39 38.73 -9.24
CA VAL A 187 2.40 37.48 -9.99
C VAL A 187 1.69 37.59 -11.34
N GLU A 188 1.73 36.49 -12.09
CA GLU A 188 0.98 36.35 -13.33
C GLU A 188 0.60 34.89 -13.51
N PRO A 189 -0.53 34.62 -14.22
CA PRO A 189 -0.91 33.25 -14.57
C PRO A 189 0.25 32.42 -15.11
N GLY A 190 0.62 31.40 -14.35
CA GLY A 190 1.70 30.49 -14.72
C GLY A 190 1.29 29.42 -15.72
N CYS A 191 0.05 28.96 -15.60
CA CYS A 191 -0.54 27.95 -16.49
C CYS A 191 0.26 26.65 -16.47
N GLY A 192 0.60 26.19 -15.27
CA GLY A 192 1.37 24.95 -15.10
C GLY A 192 0.67 23.75 -15.70
N GLY A 193 -0.66 23.81 -15.75
CA GLY A 193 -1.47 22.78 -16.36
C GLY A 193 -1.05 22.45 -17.78
N GLU A 194 -0.60 23.47 -18.51
CA GLU A 194 -0.19 23.30 -19.90
C GLU A 194 1.32 23.06 -20.07
N ARG A 195 1.98 22.69 -18.97
CA ARG A 195 3.41 22.43 -19.02
C ARG A 195 3.77 21.09 -18.37
N ASN A 196 3.00 20.71 -17.34
CA ASN A 196 3.20 19.44 -16.66
C ASN A 196 1.89 18.65 -16.59
N ALA A 197 2.02 17.34 -16.73
CA ALA A 197 0.86 16.44 -16.71
C ALA A 197 0.31 16.22 -15.30
N TYR A 198 1.17 16.36 -14.30
CA TYR A 198 0.76 16.23 -12.90
C TYR A 198 -0.05 17.45 -12.46
N LEU A 199 0.34 18.61 -12.99
CA LEU A 199 -0.30 19.88 -12.64
C LEU A 199 -1.68 20.03 -13.25
N LYS A 200 -1.85 19.50 -14.45
CA LYS A 200 -3.16 19.48 -15.09
C LYS A 200 -4.08 18.51 -14.36
N GLU A 201 -3.65 17.25 -14.26
CA GLU A 201 -4.47 16.17 -13.69
C GLU A 201 -4.85 16.38 -12.22
N HIS A 202 -4.52 17.54 -11.68
CA HIS A 202 -4.90 17.90 -10.32
C HIS A 202 -5.46 19.32 -10.22
N SER A 203 -5.88 19.88 -11.36
CA SER A 203 -6.52 21.21 -11.43
C SER A 203 -5.79 22.36 -10.73
N ILE A 204 -4.50 22.15 -10.47
CA ILE A 204 -3.66 23.13 -9.77
C ILE A 204 -3.49 24.38 -10.59
N GLU A 205 -3.78 25.53 -9.99
CA GLU A 205 -3.60 26.80 -10.67
C GLU A 205 -2.34 27.52 -10.18
N THR A 206 -1.41 27.73 -11.12
CA THR A 206 -0.07 28.22 -10.80
C THR A 206 0.13 29.67 -11.20
N PHE A 207 1.18 30.30 -10.65
CA PHE A 207 1.50 31.69 -10.94
C PHE A 207 3.00 31.88 -11.15
N LEU A 208 3.40 33.07 -11.58
CA LEU A 208 4.80 33.38 -11.83
C LEU A 208 5.20 34.77 -11.35
N ILE A 209 6.20 34.82 -10.48
CA ILE A 209 6.73 36.06 -9.91
C ILE A 209 7.33 36.96 -11.00
N LEU A 210 7.04 38.26 -10.92
CA LEU A 210 7.56 39.23 -11.86
C LEU A 210 8.58 40.16 -11.20
N HIS B 10 38.09 15.91 -4.09
CA HIS B 10 37.54 14.74 -4.85
C HIS B 10 38.44 14.31 -6.00
N GLN B 11 38.30 13.05 -6.41
CA GLN B 11 39.12 12.49 -7.47
C GLN B 11 38.28 11.63 -8.42
N SER B 12 38.84 11.32 -9.59
CA SER B 12 38.13 10.51 -10.60
C SER B 12 38.64 9.07 -10.64
N TYR B 13 37.78 8.16 -11.10
CA TYR B 13 38.12 6.74 -11.16
C TYR B 13 37.99 6.18 -12.58
N ASP B 14 38.70 5.09 -12.84
CA ASP B 14 38.76 4.51 -14.18
C ASP B 14 37.65 3.50 -14.49
N CYS B 15 37.14 2.82 -13.47
CA CYS B 15 36.17 1.76 -13.72
C CYS B 15 35.29 1.44 -12.51
N VAL B 16 34.31 2.30 -12.26
CA VAL B 16 33.36 2.07 -11.17
C VAL B 16 32.11 1.33 -11.65
N CYS B 17 31.27 0.92 -10.70
CA CYS B 17 30.05 0.20 -11.04
C CYS B 17 28.87 0.85 -10.32
N VAL B 18 27.91 1.35 -11.09
CA VAL B 18 26.79 2.09 -10.48
C VAL B 18 25.45 1.39 -10.65
N MET B 19 24.62 1.47 -9.61
CA MET B 19 23.35 0.76 -9.62
C MET B 19 22.20 1.62 -9.11
N PHE B 20 21.14 1.71 -9.92
CA PHE B 20 19.93 2.37 -9.50
C PHE B 20 18.85 1.31 -9.47
N ALA B 21 18.16 1.20 -8.33
CA ALA B 21 17.13 0.18 -8.18
C ALA B 21 15.90 0.72 -7.46
N SER B 22 14.93 1.18 -8.22
CA SER B 22 13.73 1.78 -7.65
C SER B 22 12.57 0.79 -7.56
N ILE B 23 11.62 1.10 -6.68
CA ILE B 23 10.36 0.39 -6.64
C ILE B 23 9.24 1.35 -7.06
N PRO B 24 8.87 1.32 -8.35
CA PRO B 24 7.82 2.22 -8.82
C PRO B 24 6.53 2.03 -8.02
N ASP B 25 6.04 0.79 -7.96
CA ASP B 25 4.82 0.46 -7.22
C ASP B 25 4.54 1.38 -6.03
N PHE B 26 5.60 1.80 -5.35
CA PHE B 26 5.46 2.48 -4.06
C PHE B 26 4.85 3.88 -4.16
N LYS B 27 5.09 4.61 -5.25
CA LYS B 27 4.52 5.94 -5.34
C LYS B 27 3.01 5.86 -5.25
N GLU B 28 2.42 4.94 -6.02
CA GLU B 28 0.98 4.74 -6.00
C GLU B 28 0.54 4.14 -4.67
N PHE B 29 1.44 3.43 -4.01
CA PHE B 29 1.14 2.89 -2.70
C PHE B 29 0.96 4.01 -1.70
N TYR B 30 1.90 4.95 -1.69
CA TYR B 30 1.89 6.05 -0.72
C TYR B 30 0.61 6.87 -0.72
N THR B 31 0.05 7.08 0.46
CA THR B 31 -1.20 7.80 0.62
C THR B 31 -1.23 8.55 1.95
N GLU B 32 -1.74 9.78 1.93
CA GLU B 32 -1.91 10.55 3.15
C GLU B 32 -3.37 10.53 3.56
N SER B 33 -3.62 10.25 4.84
CA SER B 33 -4.98 10.16 5.33
C SER B 33 -5.05 10.07 6.85
N ASP B 34 -6.09 10.67 7.41
CA ASP B 34 -6.31 10.60 8.85
C ASP B 34 -5.96 9.21 9.38
N VAL B 35 -6.37 8.18 8.65
CA VAL B 35 -6.17 6.80 9.10
C VAL B 35 -4.69 6.45 9.19
N ASN B 36 -3.95 6.75 8.13
CA ASN B 36 -2.54 6.37 8.04
C ASN B 36 -1.60 7.49 8.47
N LYS B 37 -2.08 8.37 9.34
CA LYS B 37 -1.25 9.45 9.85
C LYS B 37 -0.56 10.21 8.71
N GLU B 38 -1.35 10.59 7.71
CA GLU B 38 -0.88 11.39 6.58
C GLU B 38 0.41 10.86 5.97
N GLY B 39 0.43 9.56 5.70
CA GLY B 39 1.55 8.94 5.01
C GLY B 39 2.71 8.51 5.88
N LEU B 40 2.58 8.67 7.19
CA LEU B 40 3.65 8.29 8.09
C LEU B 40 3.80 6.77 8.11
N GLU B 41 2.68 6.06 8.22
CA GLU B 41 2.72 4.61 8.27
C GLU B 41 3.22 4.00 6.96
N CYS B 42 3.34 4.82 5.93
CA CYS B 42 3.87 4.39 4.65
C CYS B 42 5.38 4.38 4.70
N LEU B 43 5.94 5.58 4.80
CA LEU B 43 7.34 5.75 5.05
C LEU B 43 7.82 4.67 6.01
N ARG B 44 7.01 4.38 7.02
CA ARG B 44 7.39 3.41 8.05
C ARG B 44 7.76 2.07 7.45
N LEU B 45 7.04 1.67 6.42
CA LEU B 45 7.36 0.43 5.73
C LEU B 45 8.59 0.67 4.86
N LEU B 46 8.56 1.78 4.12
CA LEU B 46 9.71 2.18 3.34
C LEU B 46 10.95 2.19 4.23
N ASN B 47 10.78 2.68 5.44
CA ASN B 47 11.87 2.69 6.39
C ASN B 47 12.45 1.30 6.45
N GLU B 48 11.59 0.35 6.88
CA GLU B 48 11.98 -1.05 7.01
C GLU B 48 12.72 -1.52 5.76
N ILE B 49 12.08 -1.40 4.61
CA ILE B 49 12.73 -1.74 3.36
C ILE B 49 14.18 -1.24 3.30
N ILE B 50 14.35 0.08 3.18
CA ILE B 50 15.67 0.68 3.10
C ILE B 50 16.59 0.03 4.13
N ALA B 51 16.05 -0.10 5.34
CA ALA B 51 16.77 -0.76 6.42
C ALA B 51 17.14 -2.20 6.03
N ASP B 52 16.14 -2.96 5.59
CA ASP B 52 16.38 -4.32 5.14
C ASP B 52 17.45 -4.35 4.05
N PHE B 53 17.38 -3.38 3.14
CA PHE B 53 18.34 -3.30 2.04
C PHE B 53 19.70 -2.83 2.53
N ASP B 54 19.71 -2.10 3.65
CA ASP B 54 20.97 -1.60 4.19
C ASP B 54 21.72 -2.71 4.92
N ASP B 55 20.97 -3.65 5.49
CA ASP B 55 21.56 -4.76 6.24
C ASP B 55 22.54 -5.60 5.42
N LEU B 56 22.50 -5.47 4.11
CA LEU B 56 23.39 -6.23 3.24
C LEU B 56 24.82 -5.70 3.31
N LEU B 57 24.96 -4.40 3.06
CA LEU B 57 26.26 -3.75 3.04
C LEU B 57 27.15 -4.32 4.13
N SER B 58 26.52 -4.89 5.14
CA SER B 58 27.25 -5.42 6.30
C SER B 58 27.50 -6.92 6.18
N LYS B 59 27.20 -7.50 5.03
CA LYS B 59 27.55 -8.89 4.81
C LYS B 59 29.02 -9.03 4.44
N PRO B 60 29.49 -10.27 4.28
CA PRO B 60 30.89 -10.49 3.96
C PRO B 60 31.10 -10.49 2.45
N LYS B 61 30.19 -11.13 1.72
CA LYS B 61 30.29 -11.19 0.27
C LYS B 61 29.94 -9.85 -0.37
N PHE B 62 29.62 -8.86 0.46
CA PHE B 62 29.17 -7.58 -0.07
C PHE B 62 29.93 -6.40 0.51
N SER B 63 30.94 -6.68 1.33
CA SER B 63 31.71 -5.65 2.03
C SER B 63 32.39 -4.64 1.09
N GLY B 64 32.70 -5.07 -0.12
CA GLY B 64 33.31 -4.20 -1.11
C GLY B 64 32.26 -3.48 -1.94
N VAL B 65 31.13 -3.18 -1.31
CA VAL B 65 30.05 -2.43 -1.96
C VAL B 65 29.72 -1.17 -1.17
N GLU B 66 29.76 -0.02 -1.82
CA GLU B 66 29.43 1.21 -1.13
C GLU B 66 28.00 1.64 -1.41
N LYS B 67 27.28 1.97 -0.35
CA LYS B 67 25.97 2.57 -0.48
C LYS B 67 26.17 4.08 -0.62
N ILE B 68 25.66 4.66 -1.68
CA ILE B 68 25.81 6.10 -1.88
C ILE B 68 24.68 6.86 -1.23
N LYS B 69 23.51 6.85 -1.86
CA LYS B 69 22.38 7.63 -1.38
C LYS B 69 21.07 6.95 -1.76
N THR B 70 19.96 7.43 -1.21
CA THR B 70 18.65 7.02 -1.69
C THR B 70 17.87 8.23 -2.16
N ILE B 71 17.15 8.08 -3.26
CA ILE B 71 16.28 9.12 -3.78
C ILE B 71 14.86 8.62 -3.71
N GLY B 72 13.99 9.33 -3.00
CA GLY B 72 12.66 8.83 -2.78
C GLY B 72 12.79 7.36 -2.39
N SER B 73 12.18 6.48 -3.17
CA SER B 73 12.28 5.04 -2.89
C SER B 73 13.16 4.36 -3.93
N THR B 74 14.42 4.78 -4.01
CA THR B 74 15.32 4.23 -5.01
C THR B 74 16.72 4.08 -4.43
N TYR B 75 17.21 2.84 -4.41
CA TYR B 75 18.51 2.53 -3.83
C TYR B 75 19.58 2.82 -4.85
N MET B 76 20.52 3.69 -4.47
CA MET B 76 21.67 4.00 -5.30
C MET B 76 22.95 3.47 -4.64
N ALA B 77 23.73 2.71 -5.40
CA ALA B 77 24.94 2.07 -4.86
C ALA B 77 26.01 1.92 -5.94
N ALA B 78 27.19 1.46 -5.53
CA ALA B 78 28.32 1.36 -6.44
C ALA B 78 29.37 0.36 -5.98
N THR B 79 30.19 -0.10 -6.92
CA THR B 79 31.31 -0.98 -6.61
C THR B 79 32.62 -0.46 -7.19
N GLY B 80 33.72 -0.86 -6.56
CA GLY B 80 35.05 -0.58 -7.09
C GLY B 80 35.58 0.80 -6.73
N LEU B 81 35.13 1.32 -5.59
CA LEU B 81 35.64 2.60 -5.09
C LEU B 81 36.77 2.38 -4.09
N SER B 82 37.34 1.18 -4.10
CA SER B 82 38.33 0.80 -3.10
C SER B 82 39.64 0.27 -3.71
N ALA B 83 40.02 0.81 -4.86
CA ALA B 83 41.28 0.42 -5.52
C ALA B 83 42.18 1.63 -5.73
N ILE B 84 43.29 1.42 -6.43
CA ILE B 84 44.25 2.49 -6.70
C ILE B 84 43.77 3.36 -7.86
N ARG B 95 37.16 -11.09 -11.27
CA ARG B 95 38.54 -10.92 -11.71
C ARG B 95 39.04 -9.51 -11.38
N GLN B 96 39.24 -8.69 -12.40
CA GLN B 96 39.50 -7.27 -12.19
C GLN B 96 38.19 -6.51 -12.33
N TYR B 97 37.21 -7.15 -12.95
CA TYR B 97 35.84 -6.67 -12.95
C TYR B 97 35.01 -7.59 -12.06
N MET B 98 35.65 -8.14 -11.03
CA MET B 98 34.94 -9.00 -10.09
C MET B 98 33.83 -8.20 -9.42
N HIS B 99 34.11 -6.97 -9.30
CA HIS B 99 33.18 -6.04 -8.63
C HIS B 99 31.89 -5.77 -9.40
N ILE B 100 31.96 -5.85 -10.72
CA ILE B 100 30.79 -5.68 -11.60
C ILE B 100 29.74 -6.71 -11.28
N GLY B 101 30.18 -7.97 -11.18
CA GLY B 101 29.31 -9.10 -10.86
C GLY B 101 28.76 -9.06 -9.46
N THR B 102 29.59 -8.59 -8.52
CA THR B 102 29.15 -8.39 -7.15
C THR B 102 27.94 -7.46 -7.11
N MET B 103 28.01 -6.37 -7.86
CA MET B 103 26.90 -5.41 -7.96
C MET B 103 25.60 -6.10 -8.39
N VAL B 104 25.71 -7.03 -9.34
CA VAL B 104 24.58 -7.86 -9.78
C VAL B 104 24.15 -8.81 -8.66
N GLU B 105 25.13 -9.51 -8.07
CA GLU B 105 24.88 -10.38 -6.92
C GLU B 105 24.14 -9.66 -5.80
N PHE B 106 24.53 -8.40 -5.57
CA PHE B 106 23.89 -7.49 -4.62
C PHE B 106 22.47 -7.14 -5.06
N ALA B 107 22.33 -6.75 -6.33
CA ALA B 107 21.02 -6.43 -6.90
C ALA B 107 20.03 -7.58 -6.67
N TYR B 108 20.45 -8.81 -6.94
CA TYR B 108 19.64 -9.98 -6.62
C TYR B 108 19.24 -10.03 -5.14
N ALA B 109 20.23 -9.87 -4.25
CA ALA B 109 19.99 -9.91 -2.81
C ALA B 109 18.95 -8.87 -2.36
N LEU B 110 18.94 -7.72 -3.04
CA LEU B 110 17.94 -6.67 -2.78
C LEU B 110 16.54 -7.23 -3.02
N VAL B 111 16.38 -7.86 -4.18
CA VAL B 111 15.11 -8.45 -4.59
C VAL B 111 14.66 -9.53 -3.60
N GLY B 112 15.59 -10.40 -3.22
CA GLY B 112 15.33 -11.43 -2.20
C GLY B 112 14.76 -10.83 -0.92
N LYS B 113 15.28 -9.66 -0.55
CA LYS B 113 14.83 -8.97 0.66
C LYS B 113 13.49 -8.28 0.46
N LEU B 114 13.21 -7.85 -0.76
CA LEU B 114 11.92 -7.25 -1.08
C LEU B 114 10.82 -8.30 -1.09
N ASP B 115 11.12 -9.47 -1.64
CA ASP B 115 10.21 -10.62 -1.60
C ASP B 115 9.88 -11.05 -0.17
N ALA B 116 10.84 -10.86 0.73
CA ALA B 116 10.64 -11.13 2.16
C ALA B 116 9.66 -10.14 2.80
N ILE B 117 9.81 -8.85 2.46
CA ILE B 117 8.89 -7.79 2.90
C ILE B 117 7.48 -8.01 2.34
N ASN B 118 7.39 -8.17 1.03
CA ASN B 118 6.13 -8.51 0.36
C ASN B 118 5.33 -9.58 1.11
N LYS B 119 6.02 -10.60 1.61
CA LYS B 119 5.40 -11.69 2.38
C LYS B 119 4.67 -11.20 3.63
N HIS B 120 5.30 -10.31 4.38
CA HIS B 120 4.74 -9.82 5.66
C HIS B 120 3.89 -8.56 5.53
N SER B 121 4.08 -7.80 4.45
CA SER B 121 3.39 -6.53 4.27
C SER B 121 2.15 -6.65 3.38
N PHE B 122 1.97 -7.83 2.80
CA PHE B 122 0.83 -8.13 1.91
C PHE B 122 0.83 -7.24 0.66
N ASN B 123 1.98 -7.17 0.01
CA ASN B 123 2.15 -6.42 -1.22
C ASN B 123 2.86 -7.25 -2.28
N ASP B 124 2.78 -6.80 -3.52
CA ASP B 124 3.57 -7.38 -4.60
C ASP B 124 4.48 -6.30 -5.19
N PHE B 125 5.41 -5.81 -4.37
CA PHE B 125 6.39 -4.83 -4.82
C PHE B 125 7.46 -5.48 -5.70
N LYS B 126 7.84 -4.78 -6.75
CA LYS B 126 8.89 -5.25 -7.64
C LYS B 126 9.99 -4.22 -7.84
N LEU B 127 11.23 -4.67 -7.68
CA LEU B 127 12.41 -3.85 -7.89
C LEU B 127 12.71 -3.75 -9.38
N ARG B 128 13.14 -2.56 -9.81
CA ARG B 128 13.54 -2.28 -11.17
C ARG B 128 14.99 -1.85 -11.10
N VAL B 129 15.89 -2.61 -11.72
CA VAL B 129 17.34 -2.34 -11.59
C VAL B 129 17.98 -1.88 -12.89
N GLY B 130 18.98 -1.01 -12.73
CA GLY B 130 19.81 -0.57 -13.84
C GLY B 130 21.26 -0.47 -13.39
N ILE B 131 22.13 -1.21 -14.08
CA ILE B 131 23.55 -1.19 -13.76
C ILE B 131 24.38 -0.80 -14.98
N ASN B 132 25.39 0.03 -14.71
CA ASN B 132 26.33 0.53 -15.71
C ASN B 132 27.68 0.68 -15.01
N HIS B 133 28.76 0.53 -15.77
CA HIS B 133 30.10 0.71 -15.24
C HIS B 133 30.86 1.75 -16.07
N GLY B 134 32.04 2.15 -15.61
CA GLY B 134 32.88 3.10 -16.34
C GLY B 134 33.43 4.20 -15.47
N PRO B 135 34.18 5.16 -16.07
CA PRO B 135 34.79 6.25 -15.31
C PRO B 135 33.77 7.11 -14.58
N VAL B 136 34.12 7.54 -13.37
CA VAL B 136 33.30 8.46 -12.60
C VAL B 136 34.19 9.52 -11.95
N ILE B 137 33.55 10.55 -11.38
CA ILE B 137 34.23 11.50 -10.52
C ILE B 137 33.58 11.38 -9.14
N ALA B 138 34.37 11.02 -8.15
CA ALA B 138 33.88 10.89 -6.78
C ALA B 138 34.01 12.22 -6.03
N GLY B 139 33.68 12.23 -4.74
CA GLY B 139 33.91 13.39 -3.90
C GLY B 139 32.69 14.01 -3.24
N VAL B 140 32.84 15.25 -2.80
CA VAL B 140 31.85 15.90 -1.96
C VAL B 140 31.34 17.21 -2.57
N ILE B 141 30.11 17.57 -2.24
CA ILE B 141 29.50 18.81 -2.73
C ILE B 141 28.61 19.43 -1.66
N GLY B 142 28.55 20.76 -1.64
CA GLY B 142 27.65 21.49 -0.74
C GLY B 142 28.34 22.00 0.52
N ALA B 143 28.03 23.26 0.86
CA ALA B 143 28.64 23.92 2.00
C ALA B 143 27.91 23.65 3.32
N GLN B 144 26.58 23.52 3.28
CA GLN B 144 25.79 23.29 4.49
C GLN B 144 26.15 21.99 5.20
N LYS B 145 26.12 20.88 4.47
CA LYS B 145 26.60 19.60 4.97
C LYS B 145 27.10 18.72 3.82
N PRO B 146 28.42 18.73 3.58
CA PRO B 146 29.09 17.90 2.58
C PRO B 146 28.67 16.42 2.64
N GLN B 147 28.23 15.89 1.50
CA GLN B 147 27.77 14.51 1.39
C GLN B 147 28.47 13.80 0.23
N TYR B 148 28.88 12.56 0.48
CA TYR B 148 29.64 11.77 -0.49
C TYR B 148 28.78 11.31 -1.68
N ASP B 149 29.20 11.69 -2.88
CA ASP B 149 28.47 11.40 -4.12
C ASP B 149 29.41 11.04 -5.27
N ILE B 150 28.84 10.56 -6.37
CA ILE B 150 29.60 10.30 -7.60
C ILE B 150 28.92 10.93 -8.82
N TRP B 151 29.73 11.52 -9.68
CA TRP B 151 29.26 12.15 -10.90
C TRP B 151 29.88 11.47 -12.10
N GLY B 152 29.28 11.67 -13.27
CA GLY B 152 29.84 11.17 -14.51
C GLY B 152 28.77 10.74 -15.46
N ASN B 153 29.16 10.47 -16.70
CA ASN B 153 28.24 9.92 -17.67
C ASN B 153 27.75 8.57 -17.18
N THR B 154 28.68 7.75 -16.69
CA THR B 154 28.36 6.44 -16.15
C THR B 154 27.14 6.48 -15.22
N VAL B 155 27.09 7.50 -14.35
CA VAL B 155 26.09 7.57 -13.29
C VAL B 155 24.66 7.88 -13.79
N ASN B 156 24.52 8.82 -14.72
CA ASN B 156 23.19 9.12 -15.25
C ASN B 156 22.71 8.09 -16.27
N VAL B 157 23.66 7.38 -16.87
CA VAL B 157 23.32 6.32 -17.81
C VAL B 157 22.73 5.13 -17.04
N ALA B 158 23.35 4.78 -15.91
CA ALA B 158 22.80 3.75 -15.02
C ALA B 158 21.41 4.15 -14.53
N SER B 159 21.28 5.43 -14.17
CA SER B 159 20.00 6.02 -13.78
C SER B 159 18.96 5.88 -14.88
N ARG B 160 19.41 5.91 -16.12
CA ARG B 160 18.54 5.76 -17.27
C ARG B 160 18.26 4.29 -17.56
N MET B 161 19.21 3.44 -17.19
CA MET B 161 18.99 1.98 -17.24
C MET B 161 17.95 1.55 -16.21
N ASP B 162 17.49 2.52 -15.41
CA ASP B 162 16.46 2.28 -14.41
C ASP B 162 15.13 2.90 -14.83
N SER B 163 15.12 4.23 -15.05
CA SER B 163 13.90 4.94 -15.46
C SER B 163 13.22 4.31 -16.69
N THR B 164 14.02 3.73 -17.59
CA THR B 164 13.48 2.96 -18.70
C THR B 164 13.72 1.46 -18.47
N GLY B 165 13.37 0.98 -17.29
CA GLY B 165 13.65 -0.42 -16.93
C GLY B 165 12.44 -1.32 -17.00
N VAL B 166 12.62 -2.56 -16.55
CA VAL B 166 11.54 -3.52 -16.39
C VAL B 166 11.70 -4.28 -15.08
N LEU B 167 10.61 -4.37 -14.31
CA LEU B 167 10.60 -4.98 -12.98
C LEU B 167 11.09 -6.42 -13.01
N ASP B 168 11.83 -6.80 -11.97
CA ASP B 168 12.43 -8.14 -11.83
C ASP B 168 13.67 -8.38 -12.69
N LYS B 169 13.95 -7.44 -13.59
CA LYS B 169 15.05 -7.60 -14.53
C LYS B 169 16.10 -6.52 -14.30
N ILE B 170 17.35 -6.82 -14.66
CA ILE B 170 18.45 -5.86 -14.53
C ILE B 170 18.86 -5.40 -15.93
N GLN B 171 18.63 -4.11 -16.21
CA GLN B 171 18.92 -3.54 -17.53
C GLN B 171 20.34 -2.98 -17.58
N VAL B 172 21.18 -3.62 -18.39
CA VAL B 172 22.60 -3.24 -18.52
C VAL B 172 22.93 -2.67 -19.90
N THR B 173 24.00 -1.87 -19.97
CA THR B 173 24.54 -1.44 -21.25
C THR B 173 25.26 -2.61 -21.91
N GLU B 174 25.52 -2.48 -23.21
CA GLU B 174 26.24 -3.52 -23.94
C GLU B 174 27.61 -3.78 -23.32
N GLU B 175 28.35 -2.71 -23.01
CA GLU B 175 29.65 -2.82 -22.37
C GLU B 175 29.55 -3.65 -21.09
N THR B 176 28.59 -3.30 -20.26
CA THR B 176 28.32 -4.05 -19.03
C THR B 176 27.90 -5.48 -19.33
N SER B 177 27.12 -5.67 -20.40
CA SER B 177 26.64 -7.00 -20.80
C SER B 177 27.79 -7.93 -21.20
N LEU B 178 28.73 -7.39 -21.98
CA LEU B 178 29.86 -8.16 -22.50
C LEU B 178 30.68 -8.79 -21.39
N ILE B 179 30.91 -8.04 -20.32
CA ILE B 179 31.70 -8.51 -19.19
C ILE B 179 30.96 -9.61 -18.42
N LEU B 180 29.68 -9.39 -18.15
CA LEU B 180 28.88 -10.38 -17.43
C LEU B 180 28.89 -11.73 -18.13
N GLN B 181 29.04 -11.71 -19.45
CA GLN B 181 29.15 -12.94 -20.24
C GLN B 181 30.46 -13.69 -19.97
N THR B 182 31.55 -12.93 -19.83
CA THR B 182 32.85 -13.51 -19.51
C THR B 182 32.91 -13.96 -18.05
N LEU B 183 31.93 -13.52 -17.26
CA LEU B 183 31.87 -13.85 -15.84
C LEU B 183 30.88 -14.98 -15.53
N GLY B 184 30.06 -15.35 -16.51
CA GLY B 184 29.14 -16.47 -16.37
C GLY B 184 27.66 -16.16 -16.57
N TYR B 185 27.32 -14.88 -16.67
CA TYR B 185 25.93 -14.44 -16.87
C TYR B 185 25.56 -14.40 -18.34
N THR B 186 24.37 -14.91 -18.68
CA THR B 186 23.86 -14.80 -20.05
C THR B 186 22.88 -13.63 -20.16
N CYS B 187 22.74 -13.07 -21.37
CA CYS B 187 21.96 -11.85 -21.57
C CYS B 187 21.02 -11.88 -22.77
N THR B 188 20.06 -10.95 -22.77
CA THR B 188 19.16 -10.75 -23.90
C THR B 188 19.02 -9.26 -24.20
N CYS B 189 18.95 -8.93 -25.48
CA CYS B 189 18.87 -7.54 -25.94
C CYS B 189 17.45 -7.01 -25.82
N ARG B 190 17.30 -5.88 -25.12
CA ARG B 190 16.01 -5.18 -25.05
C ARG B 190 15.72 -4.47 -26.37
N GLY B 191 16.76 -3.95 -26.99
CA GLY B 191 16.63 -3.12 -28.17
C GLY B 191 17.33 -1.79 -27.97
N ILE B 192 16.73 -0.74 -28.51
CA ILE B 192 17.36 0.57 -28.61
C ILE B 192 16.65 1.59 -27.72
N ILE B 193 17.30 2.00 -26.65
CA ILE B 193 16.79 3.06 -25.79
C ILE B 193 17.41 4.41 -26.15
N ASN B 194 16.58 5.45 -26.20
CA ASN B 194 17.08 6.79 -26.41
C ASN B 194 17.51 7.41 -25.07
N VAL B 195 18.81 7.57 -24.92
CA VAL B 195 19.37 8.27 -23.77
C VAL B 195 19.55 9.75 -24.12
N LYS B 196 18.51 10.52 -23.82
CA LYS B 196 18.46 11.96 -24.04
C LYS B 196 19.80 12.65 -23.84
N GLY B 197 20.35 13.20 -24.93
CA GLY B 197 21.63 13.89 -24.92
C GLY B 197 22.80 13.08 -25.46
N LYS B 198 22.78 11.77 -25.22
CA LYS B 198 23.82 10.87 -25.71
C LYS B 198 23.29 9.99 -26.84
N GLY B 199 22.00 10.08 -27.11
CA GLY B 199 21.38 9.46 -28.29
C GLY B 199 20.79 8.09 -28.09
N ASP B 200 20.67 7.34 -29.20
CA ASP B 200 20.12 5.99 -29.18
C ASP B 200 21.19 4.96 -28.85
N LEU B 201 20.96 4.24 -27.76
CA LEU B 201 21.91 3.25 -27.28
C LEU B 201 21.24 1.90 -27.13
N LYS B 202 21.99 0.84 -27.46
CA LYS B 202 21.51 -0.52 -27.28
C LYS B 202 21.66 -0.94 -25.82
N THR B 203 20.63 -1.61 -25.30
CA THR B 203 20.57 -2.06 -23.89
C THR B 203 20.24 -3.55 -23.80
N TYR B 204 20.44 -4.13 -22.62
CA TYR B 204 20.28 -5.57 -22.45
C TYR B 204 19.73 -5.92 -21.07
N PHE B 205 18.91 -6.98 -21.00
CA PHE B 205 18.46 -7.55 -19.73
C PHE B 205 19.30 -8.76 -19.37
N VAL B 206 19.52 -8.95 -18.07
CA VAL B 206 20.26 -10.11 -17.57
C VAL B 206 19.32 -11.28 -17.34
N ASN B 207 19.79 -12.49 -17.63
CA ASN B 207 18.99 -13.71 -17.49
C ASN B 207 19.20 -14.41 -16.15
N THR B 208 18.16 -15.08 -15.67
CA THR B 208 18.22 -15.81 -14.40
C THR B 208 18.10 -17.31 -14.64
N ALA C 39 -7.55 5.78 29.36
CA ALA C 39 -7.19 4.54 28.62
C ALA C 39 -7.79 4.54 27.21
N THR C 40 -6.96 4.20 26.22
CA THR C 40 -7.41 4.04 24.83
C THR C 40 -6.79 2.77 24.21
N HIS C 41 -7.64 1.94 23.61
CA HIS C 41 -7.20 0.67 23.06
C HIS C 41 -7.57 0.52 21.59
N ARG C 42 -6.59 0.66 20.70
CA ARG C 42 -6.81 0.54 19.27
C ARG C 42 -6.94 -0.91 18.84
N LEU C 43 -8.11 -1.25 18.30
CA LEU C 43 -8.39 -2.61 17.87
C LEU C 43 -8.45 -2.72 16.36
N LEU C 44 -7.89 -3.81 15.84
CA LEU C 44 -7.85 -4.03 14.41
C LEU C 44 -8.48 -5.37 14.05
N LEU C 45 -9.43 -5.33 13.12
CA LEU C 45 -10.11 -6.52 12.66
C LEU C 45 -9.42 -7.08 11.42
N LEU C 46 -8.98 -8.32 11.51
CA LEU C 46 -8.35 -8.99 10.37
C LEU C 46 -9.03 -10.33 10.10
N GLY C 47 -8.92 -10.81 8.86
CA GLY C 47 -9.63 -12.00 8.40
C GLY C 47 -9.94 -11.93 6.92
N ALA C 48 -10.36 -13.05 6.34
CA ALA C 48 -10.61 -13.16 4.91
C ALA C 48 -11.88 -12.44 4.44
N GLY C 49 -12.22 -12.60 3.17
CA GLY C 49 -13.43 -12.03 2.58
C GLY C 49 -14.71 -12.62 3.13
N GLU C 50 -15.67 -11.75 3.45
CA GLU C 50 -17.00 -12.15 3.97
C GLU C 50 -16.99 -12.78 5.37
N SER C 51 -15.81 -12.85 5.98
CA SER C 51 -15.65 -13.44 7.32
C SER C 51 -16.63 -12.87 8.33
N GLY C 52 -16.96 -11.60 8.17
CA GLY C 52 -17.91 -10.93 9.05
C GLY C 52 -17.27 -9.87 9.94
N LYS C 53 -16.34 -9.11 9.37
CA LYS C 53 -15.67 -8.03 10.10
C LYS C 53 -16.60 -6.81 10.22
N SER C 54 -17.07 -6.29 9.08
CA SER C 54 -17.98 -5.14 9.06
C SER C 54 -19.23 -5.39 9.91
N THR C 55 -19.64 -6.66 9.95
CA THR C 55 -20.79 -7.09 10.74
C THR C 55 -20.58 -6.77 12.22
N ILE C 56 -19.35 -6.97 12.67
CA ILE C 56 -18.97 -6.71 14.06
C ILE C 56 -18.93 -5.21 14.39
N VAL C 57 -18.42 -4.40 13.46
CA VAL C 57 -18.28 -2.97 13.65
C VAL C 57 -19.65 -2.32 13.88
N LYS C 58 -20.65 -2.74 13.10
CA LYS C 58 -22.04 -2.32 13.32
C LYS C 58 -22.48 -2.72 14.72
N GLN C 59 -22.19 -3.96 15.11
CA GLN C 59 -22.52 -4.47 16.44
C GLN C 59 -21.81 -3.73 17.56
N MET C 60 -21.16 -2.62 17.22
CA MET C 60 -20.64 -1.70 18.23
C MET C 60 -21.44 -0.39 18.20
N ARG C 61 -21.87 0.04 17.02
CA ARG C 61 -22.79 1.16 16.87
C ARG C 61 -24.13 0.79 17.51
N ILE C 62 -24.56 -0.45 17.22
CA ILE C 62 -25.72 -1.06 17.86
C ILE C 62 -25.53 -1.02 19.38
N LEU C 63 -24.38 -1.50 19.83
CA LEU C 63 -24.16 -1.69 21.27
C LEU C 63 -23.77 -0.43 22.03
N HIS C 64 -22.75 0.30 21.55
CA HIS C 64 -22.11 1.32 22.38
C HIS C 64 -22.14 2.76 21.84
N VAL C 65 -22.91 3.00 20.79
CA VAL C 65 -23.14 4.36 20.30
C VAL C 65 -24.64 4.65 20.21
N GLY C 86 -33.27 7.32 11.38
CA GLY C 86 -33.00 8.56 10.66
C GLY C 86 -32.09 8.37 9.47
N GLU C 87 -30.94 7.74 9.70
CA GLU C 87 -29.96 7.46 8.65
C GLU C 87 -30.18 6.11 7.98
N LYS C 88 -31.14 5.36 8.51
CA LYS C 88 -31.45 4.00 8.05
C LYS C 88 -32.04 3.95 6.64
N ALA C 89 -32.54 5.10 6.17
CA ALA C 89 -33.20 5.21 4.87
C ALA C 89 -32.29 5.00 3.67
N THR C 90 -30.98 5.20 3.88
CA THR C 90 -30.00 5.11 2.80
C THR C 90 -29.61 3.68 2.46
N LYS C 91 -29.80 2.77 3.41
CA LYS C 91 -29.44 1.36 3.23
C LYS C 91 -30.59 0.48 2.70
N VAL C 92 -31.80 1.01 2.70
CA VAL C 92 -32.95 0.33 2.10
C VAL C 92 -32.61 0.06 0.64
N GLN C 93 -32.04 1.07 0.00
CA GLN C 93 -31.47 0.95 -1.33
C GLN C 93 -30.57 -0.29 -1.42
N ASP C 94 -29.59 -0.36 -0.52
CA ASP C 94 -28.59 -1.44 -0.52
C ASP C 94 -29.17 -2.83 -0.24
N ILE C 95 -30.28 -2.87 0.51
CA ILE C 95 -30.92 -4.13 0.86
C ILE C 95 -31.62 -4.74 -0.36
N LYS C 96 -32.32 -3.89 -1.09
CA LYS C 96 -33.00 -4.34 -2.31
C LYS C 96 -31.97 -4.90 -3.30
N ASN C 97 -30.80 -4.26 -3.39
CA ASN C 97 -29.71 -4.74 -4.24
C ASN C 97 -29.29 -6.14 -3.87
N ASN C 98 -29.11 -6.39 -2.57
CA ASN C 98 -28.78 -7.72 -2.06
C ASN C 98 -29.73 -8.76 -2.63
N LEU C 99 -30.99 -8.66 -2.23
CA LEU C 99 -32.09 -9.42 -2.78
C LEU C 99 -31.98 -9.64 -4.29
N LYS C 100 -31.73 -8.57 -5.03
CA LYS C 100 -31.61 -8.64 -6.48
C LYS C 100 -30.44 -9.55 -6.87
N GLU C 101 -29.28 -9.27 -6.29
CA GLU C 101 -28.08 -10.06 -6.56
C GLU C 101 -28.25 -11.50 -6.12
N ALA C 102 -29.06 -11.69 -5.08
CA ALA C 102 -29.27 -13.01 -4.45
C ALA C 102 -30.02 -14.00 -5.35
N ILE C 103 -31.22 -13.60 -5.78
CA ILE C 103 -32.02 -14.41 -6.69
C ILE C 103 -31.32 -14.58 -8.04
N GLU C 104 -30.95 -13.46 -8.67
CA GLU C 104 -30.36 -13.50 -10.01
C GLU C 104 -29.14 -14.40 -10.03
N THR C 105 -28.40 -14.41 -8.91
CA THR C 105 -27.27 -15.32 -8.77
C THR C 105 -27.68 -16.80 -8.83
N ILE C 106 -28.73 -17.17 -8.11
CA ILE C 106 -29.17 -18.56 -8.08
C ILE C 106 -29.68 -19.00 -9.45
N VAL C 107 -30.59 -18.23 -10.02
CA VAL C 107 -31.18 -18.59 -11.31
C VAL C 107 -30.09 -18.73 -12.38
N ALA C 108 -29.11 -17.82 -12.34
CA ALA C 108 -27.95 -17.90 -13.24
C ALA C 108 -27.20 -19.22 -13.06
N ALA C 109 -27.02 -19.62 -11.80
CA ALA C 109 -26.23 -20.79 -11.43
C ALA C 109 -26.83 -22.10 -11.91
N MET C 110 -28.14 -22.11 -12.13
CA MET C 110 -28.88 -23.33 -12.42
C MET C 110 -28.28 -24.14 -13.57
N SER C 111 -28.15 -23.50 -14.73
CA SER C 111 -27.67 -24.16 -15.95
C SER C 111 -26.14 -24.39 -15.98
N ASN C 112 -25.40 -23.72 -15.12
CA ASN C 112 -23.94 -23.85 -15.07
C ASN C 112 -23.45 -24.82 -13.99
N LEU C 113 -24.19 -25.91 -13.79
CA LEU C 113 -23.85 -26.92 -12.78
C LEU C 113 -23.77 -28.32 -13.37
N VAL C 114 -23.13 -29.22 -12.64
CA VAL C 114 -23.04 -30.62 -13.04
C VAL C 114 -23.72 -31.52 -11.99
N PRO C 115 -24.97 -31.95 -12.26
CA PRO C 115 -25.75 -31.61 -13.45
C PRO C 115 -26.45 -30.26 -13.28
N PRO C 116 -27.01 -29.70 -14.37
CA PRO C 116 -27.84 -28.49 -14.25
C PRO C 116 -29.11 -28.76 -13.45
N VAL C 117 -29.54 -27.77 -12.66
CA VAL C 117 -30.74 -27.93 -11.84
C VAL C 117 -31.95 -27.42 -12.61
N GLU C 118 -32.95 -28.30 -12.75
CA GLU C 118 -34.16 -27.95 -13.48
C GLU C 118 -35.25 -27.42 -12.55
N LEU C 119 -36.06 -26.53 -13.11
CA LEU C 119 -37.18 -25.92 -12.40
C LEU C 119 -38.27 -26.93 -12.07
N ALA C 120 -38.92 -26.74 -10.92
CA ALA C 120 -40.04 -27.59 -10.51
C ALA C 120 -41.32 -27.27 -11.29
N ASN C 121 -41.49 -26.00 -11.63
CA ASN C 121 -42.66 -25.53 -12.35
C ASN C 121 -42.27 -24.86 -13.66
N PRO C 122 -42.46 -25.59 -14.79
CA PRO C 122 -42.13 -25.11 -16.14
C PRO C 122 -42.74 -23.74 -16.46
N GLU C 123 -43.72 -23.33 -15.66
CA GLU C 123 -44.29 -22.00 -15.74
C GLU C 123 -43.20 -20.94 -15.49
N ASN C 124 -42.54 -21.08 -14.35
CA ASN C 124 -41.54 -20.11 -13.87
C ASN C 124 -40.50 -19.68 -14.90
N GLN C 125 -40.35 -20.48 -15.96
CA GLN C 125 -39.37 -20.22 -17.02
C GLN C 125 -39.26 -18.76 -17.45
N PHE C 126 -40.41 -18.10 -17.60
CA PHE C 126 -40.45 -16.74 -18.13
C PHE C 126 -40.00 -15.73 -17.08
N ARG C 127 -40.18 -16.09 -15.82
CA ARG C 127 -39.70 -15.28 -14.69
C ARG C 127 -38.18 -15.39 -14.63
N VAL C 128 -37.68 -16.55 -15.02
CA VAL C 128 -36.24 -16.79 -15.15
C VAL C 128 -35.72 -15.93 -16.29
N ASP C 129 -36.46 -15.91 -17.39
CA ASP C 129 -36.16 -15.05 -18.53
C ASP C 129 -36.17 -13.58 -18.10
N TYR C 130 -37.15 -13.22 -17.27
CA TYR C 130 -37.25 -11.87 -16.72
C TYR C 130 -36.02 -11.55 -15.89
N ILE C 131 -35.82 -12.32 -14.82
CA ILE C 131 -34.75 -12.10 -13.86
C ILE C 131 -33.34 -12.07 -14.50
N LEU C 132 -33.20 -12.80 -15.60
CA LEU C 132 -31.96 -12.79 -16.36
C LEU C 132 -31.81 -11.49 -17.12
N SER C 133 -32.77 -11.19 -17.99
CA SER C 133 -32.73 -10.01 -18.85
C SER C 133 -32.55 -8.67 -18.10
N VAL C 134 -32.81 -8.69 -16.80
CA VAL C 134 -32.70 -7.48 -15.97
C VAL C 134 -31.45 -7.44 -15.08
N MET C 135 -30.58 -8.44 -15.25
CA MET C 135 -29.42 -8.65 -14.39
C MET C 135 -28.42 -7.49 -14.37
N ASN C 136 -28.14 -6.93 -15.54
CA ASN C 136 -27.13 -5.89 -15.66
C ASN C 136 -27.67 -4.48 -15.43
N VAL C 137 -28.99 -4.32 -15.61
CA VAL C 137 -29.64 -3.00 -15.55
C VAL C 137 -29.05 -2.13 -14.44
N PRO C 138 -28.51 -0.95 -14.81
CA PRO C 138 -27.83 -0.03 -13.89
C PRO C 138 -28.74 0.49 -12.77
N ASP C 139 -29.35 1.65 -12.95
CA ASP C 139 -30.24 2.20 -11.93
C ASP C 139 -31.62 1.54 -11.94
N PHE C 140 -31.66 0.29 -11.47
CA PHE C 140 -32.88 -0.51 -11.42
C PHE C 140 -33.84 0.06 -10.39
N ASP C 141 -35.10 0.19 -10.79
CA ASP C 141 -36.12 0.85 -9.97
C ASP C 141 -37.06 -0.10 -9.22
N PHE C 142 -36.72 -1.39 -9.23
CA PHE C 142 -37.43 -2.44 -8.47
C PHE C 142 -38.96 -2.36 -8.53
N PRO C 143 -39.55 -2.60 -9.71
CA PRO C 143 -41.00 -2.53 -9.82
C PRO C 143 -41.68 -3.69 -9.09
N PRO C 144 -42.97 -3.58 -8.75
CA PRO C 144 -43.68 -4.61 -7.98
C PRO C 144 -43.71 -5.97 -8.67
N GLU C 145 -43.63 -5.96 -10.00
CA GLU C 145 -43.45 -7.19 -10.77
C GLU C 145 -42.18 -7.88 -10.28
N PHE C 146 -41.09 -7.11 -10.20
CA PHE C 146 -39.79 -7.64 -9.78
C PHE C 146 -39.92 -8.52 -8.55
N TYR C 147 -40.52 -7.94 -7.51
CA TYR C 147 -40.71 -8.66 -6.25
C TYR C 147 -41.60 -9.88 -6.41
N GLU C 148 -42.59 -9.78 -7.31
CA GLU C 148 -43.52 -10.87 -7.57
C GLU C 148 -42.80 -12.06 -8.20
N HIS C 149 -42.17 -11.82 -9.34
CA HIS C 149 -41.41 -12.85 -10.02
C HIS C 149 -40.33 -13.36 -9.09
N ALA C 150 -39.63 -12.41 -8.46
CA ALA C 150 -38.54 -12.73 -7.55
C ALA C 150 -39.02 -13.74 -6.53
N LYS C 151 -40.15 -13.45 -5.89
CA LYS C 151 -40.69 -14.31 -4.84
C LYS C 151 -41.09 -15.67 -5.39
N ALA C 152 -41.97 -15.64 -6.38
CA ALA C 152 -42.39 -16.86 -7.07
C ALA C 152 -41.18 -17.73 -7.43
N LEU C 153 -40.10 -17.08 -7.89
CA LEU C 153 -38.88 -17.79 -8.21
C LEU C 153 -38.29 -18.47 -7.00
N TRP C 154 -38.19 -17.73 -5.89
CA TRP C 154 -37.72 -18.30 -4.63
C TRP C 154 -38.68 -19.37 -4.13
N GLU C 155 -39.95 -19.20 -4.44
CA GLU C 155 -41.01 -20.13 -4.05
C GLU C 155 -40.90 -21.44 -4.81
N ASP C 156 -40.27 -21.40 -5.98
CA ASP C 156 -40.01 -22.58 -6.79
C ASP C 156 -39.08 -23.53 -6.06
N GLU C 157 -39.31 -24.83 -6.22
CA GLU C 157 -38.53 -25.86 -5.53
C GLU C 157 -37.14 -26.08 -6.14
N GLY C 158 -37.06 -26.16 -7.47
CA GLY C 158 -35.79 -26.31 -8.17
C GLY C 158 -34.81 -25.22 -7.76
N VAL C 159 -35.32 -24.00 -7.65
CA VAL C 159 -34.54 -22.82 -7.23
C VAL C 159 -33.94 -23.01 -5.84
N ARG C 160 -34.71 -23.64 -4.95
CA ARG C 160 -34.25 -24.00 -3.62
C ARG C 160 -33.24 -25.14 -3.68
N ALA C 161 -33.50 -26.12 -4.53
CA ALA C 161 -32.56 -27.23 -4.75
C ALA C 161 -31.26 -26.71 -5.34
N CYS C 162 -31.34 -25.52 -5.94
CA CYS C 162 -30.16 -24.85 -6.46
C CYS C 162 -29.47 -24.04 -5.36
N TYR C 163 -30.26 -23.58 -4.40
CA TYR C 163 -29.73 -22.89 -3.23
C TYR C 163 -29.06 -23.88 -2.29
N GLU C 164 -29.56 -25.11 -2.27
CA GLU C 164 -28.97 -26.17 -1.47
C GLU C 164 -27.56 -26.52 -1.95
N ARG C 165 -27.25 -26.11 -3.18
CA ARG C 165 -25.93 -26.33 -3.78
C ARG C 165 -25.19 -25.01 -4.02
N SER C 166 -25.46 -24.02 -3.17
CA SER C 166 -24.83 -22.71 -3.29
C SER C 166 -23.44 -22.67 -2.71
N ASN C 167 -22.91 -23.85 -2.37
CA ASN C 167 -21.52 -23.96 -1.96
C ASN C 167 -20.62 -24.01 -3.19
N GLU C 168 -21.20 -24.35 -4.33
CA GLU C 168 -20.46 -24.55 -5.58
C GLU C 168 -20.17 -23.25 -6.32
N TYR C 169 -21.22 -22.48 -6.59
CA TYR C 169 -21.06 -21.13 -7.10
C TYR C 169 -20.85 -20.14 -5.96
N GLN C 170 -20.75 -18.85 -6.27
CA GLN C 170 -20.51 -17.83 -5.25
C GLN C 170 -21.82 -17.11 -4.89
N LEU C 171 -22.22 -17.21 -3.62
CA LEU C 171 -23.47 -16.58 -3.14
C LEU C 171 -23.32 -15.92 -1.77
N ILE C 172 -23.77 -14.67 -1.67
CA ILE C 172 -23.74 -13.93 -0.40
C ILE C 172 -24.61 -14.60 0.68
N ASP C 173 -24.13 -14.52 1.92
CA ASP C 173 -24.73 -15.18 3.09
C ASP C 173 -26.21 -14.87 3.36
N CYS C 174 -26.62 -13.63 3.08
CA CYS C 174 -27.95 -13.14 3.46
C CYS C 174 -29.08 -13.55 2.50
N ALA C 175 -28.77 -14.44 1.55
CA ALA C 175 -29.74 -14.92 0.57
C ALA C 175 -31.04 -15.34 1.23
N GLN C 176 -31.01 -16.51 1.88
CA GLN C 176 -32.16 -17.04 2.59
C GLN C 176 -32.92 -15.98 3.39
N TYR C 177 -32.21 -15.25 4.24
CA TYR C 177 -32.79 -14.22 5.12
C TYR C 177 -33.68 -13.22 4.39
N PHE C 178 -33.15 -12.59 3.34
CA PHE C 178 -33.90 -11.55 2.63
C PHE C 178 -34.99 -12.10 1.72
N LEU C 179 -34.69 -13.22 1.07
CA LEU C 179 -35.64 -13.88 0.15
C LEU C 179 -36.89 -14.36 0.88
N ASP C 180 -36.74 -14.57 2.18
CA ASP C 180 -37.88 -14.96 3.01
C ASP C 180 -38.71 -13.77 3.45
N LYS C 181 -38.20 -12.55 3.21
CA LYS C 181 -38.98 -11.34 3.50
C LYS C 181 -39.12 -10.36 2.32
N ILE C 182 -39.16 -10.92 1.10
CA ILE C 182 -39.54 -10.18 -0.11
C ILE C 182 -40.78 -9.32 0.19
N ASP C 183 -41.82 -9.96 0.70
CA ASP C 183 -43.11 -9.30 0.99
C ASP C 183 -43.02 -8.19 2.01
N VAL C 184 -41.97 -8.23 2.84
CA VAL C 184 -41.72 -7.18 3.82
C VAL C 184 -40.95 -6.02 3.17
N ILE C 185 -39.89 -6.37 2.44
CA ILE C 185 -39.04 -5.39 1.78
C ILE C 185 -39.76 -4.68 0.64
N LYS C 186 -40.75 -5.35 0.05
CA LYS C 186 -41.45 -4.83 -1.14
C LYS C 186 -42.23 -3.54 -0.92
N GLN C 187 -42.59 -3.29 0.34
CA GLN C 187 -43.33 -2.08 0.74
C GLN C 187 -42.50 -0.82 0.53
N ASP C 188 -43.18 0.29 0.28
CA ASP C 188 -42.53 1.60 0.17
C ASP C 188 -42.60 2.39 1.47
N ASP C 189 -43.44 1.91 2.39
CA ASP C 189 -43.48 2.40 3.77
C ASP C 189 -42.42 1.68 4.61
N TYR C 190 -41.94 0.56 4.06
CA TYR C 190 -40.94 -0.31 4.68
C TYR C 190 -39.75 0.44 5.28
N VAL C 191 -39.40 0.05 6.51
CA VAL C 191 -38.20 0.50 7.20
C VAL C 191 -37.50 -0.74 7.79
N PRO C 192 -36.20 -0.90 7.54
CA PRO C 192 -35.48 -2.13 7.92
C PRO C 192 -35.22 -2.22 9.41
N SER C 193 -35.42 -3.41 9.96
CA SER C 193 -35.12 -3.69 11.36
C SER C 193 -33.60 -3.71 11.55
N ASP C 194 -33.16 -3.90 12.79
CA ASP C 194 -31.73 -3.93 13.07
C ASP C 194 -31.06 -5.23 12.64
N GLN C 195 -31.81 -6.31 12.57
CA GLN C 195 -31.29 -7.55 12.00
C GLN C 195 -31.10 -7.42 10.49
N ASP C 196 -32.00 -6.70 9.81
CA ASP C 196 -31.85 -6.39 8.39
C ASP C 196 -30.55 -5.61 8.15
N LEU C 197 -30.29 -4.63 9.01
CA LEU C 197 -29.09 -3.82 8.95
C LEU C 197 -27.82 -4.64 9.03
N LEU C 198 -27.85 -5.69 9.86
CA LEU C 198 -26.70 -6.56 10.07
C LEU C 198 -26.51 -7.49 8.88
N ARG C 199 -27.63 -8.04 8.39
CA ARG C 199 -27.57 -8.99 7.27
C ARG C 199 -27.19 -8.32 5.96
N CYS C 200 -27.42 -7.01 5.86
CA CYS C 200 -27.02 -6.23 4.69
C CYS C 200 -25.54 -6.37 4.41
N ARG C 201 -25.21 -6.63 3.14
CA ARG C 201 -23.83 -6.82 2.71
C ARG C 201 -23.34 -5.77 1.69
N VAL C 202 -22.34 -5.00 2.11
CA VAL C 202 -21.62 -4.07 1.24
C VAL C 202 -20.14 -4.45 1.36
N LEU C 203 -19.41 -4.37 0.26
CA LEU C 203 -17.96 -4.63 0.27
C LEU C 203 -17.20 -3.49 0.93
N THR C 204 -16.18 -3.83 1.72
CA THR C 204 -15.31 -2.85 2.36
C THR C 204 -14.02 -2.69 1.55
N SER C 205 -13.75 -1.45 1.15
CA SER C 205 -12.55 -1.09 0.40
C SER C 205 -11.90 0.16 0.97
N GLY C 206 -10.76 -0.04 1.65
CA GLY C 206 -10.07 1.01 2.38
C GLY C 206 -9.98 0.68 3.86
N ILE C 207 -9.97 1.73 4.69
CA ILE C 207 -9.92 1.57 6.14
C ILE C 207 -10.84 2.58 6.81
N PHE C 208 -11.66 2.09 7.76
CA PHE C 208 -12.66 2.91 8.41
C PHE C 208 -12.48 2.96 9.94
N GLU C 209 -12.44 4.17 10.49
CA GLU C 209 -12.24 4.36 11.93
C GLU C 209 -13.48 4.92 12.60
N THR C 210 -14.20 4.05 13.31
CA THR C 210 -15.32 4.47 14.14
C THR C 210 -14.96 4.26 15.60
N LYS C 211 -15.12 5.34 16.38
CA LYS C 211 -14.70 5.37 17.77
C LYS C 211 -15.89 5.11 18.69
N PHE C 212 -15.67 4.37 19.76
CA PHE C 212 -16.71 4.15 20.77
C PHE C 212 -16.14 4.09 22.20
N GLN C 213 -17.05 4.03 23.18
CA GLN C 213 -16.69 4.07 24.59
C GLN C 213 -17.52 3.09 25.41
N VAL C 214 -16.85 2.30 26.25
CA VAL C 214 -17.54 1.37 27.15
C VAL C 214 -17.01 1.51 28.57
N ASP C 215 -17.89 1.90 29.49
CA ASP C 215 -17.55 2.19 30.89
C ASP C 215 -16.45 3.25 31.02
N LYS C 216 -16.62 4.32 30.23
CA LYS C 216 -15.66 5.43 30.12
C LYS C 216 -14.26 5.01 29.63
N VAL C 217 -14.19 3.87 28.93
CA VAL C 217 -12.95 3.38 28.33
C VAL C 217 -13.07 3.46 26.81
N ASN C 218 -12.19 4.25 26.19
CA ASN C 218 -12.24 4.51 24.75
C ASN C 218 -11.62 3.43 23.87
N PHE C 219 -12.40 2.96 22.91
CA PHE C 219 -11.94 2.01 21.92
C PHE C 219 -11.97 2.65 20.54
N HIS C 220 -10.86 2.53 19.81
CA HIS C 220 -10.85 2.82 18.39
C HIS C 220 -10.89 1.50 17.64
N MET C 221 -11.83 1.35 16.72
CA MET C 221 -11.93 0.13 15.93
C MET C 221 -11.70 0.41 14.45
N PHE C 222 -10.76 -0.32 13.87
CA PHE C 222 -10.40 -0.19 12.46
C PHE C 222 -10.87 -1.38 11.65
N ASP C 223 -11.66 -1.09 10.61
CA ASP C 223 -12.19 -2.09 9.70
C ASP C 223 -11.54 -1.93 8.33
N VAL C 224 -11.14 -3.06 7.73
CA VAL C 224 -10.38 -3.06 6.49
C VAL C 224 -10.92 -4.09 5.50
N GLY C 225 -10.64 -3.87 4.22
CA GLY C 225 -10.95 -4.85 3.18
C GLY C 225 -10.22 -6.14 3.46
N GLY C 226 -10.95 -7.26 3.35
CA GLY C 226 -10.42 -8.59 3.68
C GLY C 226 -10.00 -9.43 2.48
N GLN C 227 -10.18 -8.88 1.28
CA GLN C 227 -9.75 -9.55 0.05
C GLN C 227 -8.25 -9.38 -0.15
N ARG C 228 -7.72 -10.12 -1.11
CA ARG C 228 -6.27 -10.16 -1.33
C ARG C 228 -5.69 -8.80 -1.75
N ASP C 229 -6.36 -8.17 -2.72
CA ASP C 229 -5.94 -6.89 -3.26
C ASP C 229 -6.05 -5.78 -2.21
N GLU C 230 -6.80 -6.05 -1.15
CA GLU C 230 -7.09 -5.06 -0.13
C GLU C 230 -6.11 -5.13 1.05
N ARG C 231 -5.38 -6.24 1.14
CA ARG C 231 -4.51 -6.52 2.28
C ARG C 231 -3.27 -5.60 2.35
N ARG C 232 -2.91 -5.02 1.21
CA ARG C 232 -1.79 -4.10 1.10
C ARG C 232 -1.88 -2.91 2.05
N LYS C 233 -3.11 -2.53 2.40
CA LYS C 233 -3.37 -1.39 3.25
C LYS C 233 -3.23 -1.72 4.74
N TRP C 234 -3.33 -3.01 5.08
CA TRP C 234 -3.27 -3.48 6.47
C TRP C 234 -2.10 -2.89 7.24
N ILE C 235 -0.92 -2.94 6.64
CA ILE C 235 0.34 -2.50 7.26
C ILE C 235 0.17 -1.19 8.01
N GLN C 236 -0.67 -0.30 7.48
CA GLN C 236 -0.88 1.02 8.05
C GLN C 236 -1.47 1.02 9.46
N CYS C 237 -1.74 -0.17 10.00
CA CYS C 237 -2.32 -0.29 11.33
C CYS C 237 -1.50 -1.16 12.28
N PHE C 238 -0.26 -1.43 11.90
CA PHE C 238 0.59 -2.37 12.63
C PHE C 238 1.31 -1.74 13.80
N ASN C 239 1.73 -0.48 13.64
CA ASN C 239 2.38 0.23 14.74
C ASN C 239 1.36 0.83 15.69
N ASP C 240 1.50 0.46 16.96
CA ASP C 240 0.56 0.86 18.02
C ASP C 240 -0.85 0.30 17.80
N VAL C 241 -0.95 -1.03 17.88
CA VAL C 241 -2.24 -1.70 17.90
C VAL C 241 -2.34 -2.58 19.15
N THR C 242 -3.36 -2.31 19.96
CA THR C 242 -3.55 -2.98 21.24
C THR C 242 -3.74 -4.49 21.12
N ALA C 243 -4.63 -4.91 20.21
CA ALA C 243 -4.86 -6.32 19.92
C ALA C 243 -5.50 -6.50 18.54
N ILE C 244 -5.33 -7.70 17.99
CA ILE C 244 -5.92 -8.02 16.70
C ILE C 244 -7.14 -8.90 16.90
N ILE C 245 -8.19 -8.57 16.16
CA ILE C 245 -9.39 -9.39 16.13
C ILE C 245 -9.39 -10.15 14.81
N PHE C 246 -9.04 -11.43 14.85
CA PHE C 246 -9.05 -12.25 13.65
C PHE C 246 -10.38 -12.97 13.46
N VAL C 247 -11.08 -12.63 12.38
CA VAL C 247 -12.38 -13.18 12.09
C VAL C 247 -12.26 -14.34 11.10
N VAL C 248 -13.06 -15.37 11.30
CA VAL C 248 -13.08 -16.52 10.41
C VAL C 248 -14.52 -16.97 10.16
N ALA C 249 -14.87 -17.16 8.89
CA ALA C 249 -16.14 -17.76 8.53
C ALA C 249 -16.11 -19.29 8.73
N SER C 250 -16.41 -19.74 9.94
CA SER C 250 -16.36 -21.17 10.31
C SER C 250 -17.14 -22.10 9.36
N SER C 251 -18.18 -21.55 8.75
CA SER C 251 -19.11 -22.31 7.91
C SER C 251 -18.55 -22.64 6.53
N SER C 252 -17.54 -21.88 6.11
CA SER C 252 -17.09 -21.88 4.72
C SER C 252 -16.07 -23.00 4.41
N TYR C 253 -16.28 -24.16 5.03
CA TYR C 253 -15.39 -25.28 4.82
C TYR C 253 -15.68 -26.01 3.51
N ASN C 254 -16.93 -25.97 3.07
CA ASN C 254 -17.32 -26.56 1.79
C ASN C 254 -17.26 -25.58 0.62
N MET C 255 -16.69 -24.40 0.85
CA MET C 255 -16.71 -23.31 -0.13
C MET C 255 -15.32 -22.74 -0.41
N VAL C 256 -15.16 -22.15 -1.60
CA VAL C 256 -13.90 -21.52 -2.02
C VAL C 256 -14.08 -20.00 -2.22
N ILE C 257 -12.98 -19.24 -2.16
CA ILE C 257 -13.03 -17.77 -2.19
C ILE C 257 -13.33 -17.18 -3.56
N ARG C 258 -13.82 -15.93 -3.56
CA ARG C 258 -14.19 -15.18 -4.76
C ARG C 258 -12.98 -14.76 -5.60
N GLU C 259 -11.86 -14.55 -4.92
CA GLU C 259 -10.65 -13.99 -5.50
C GLU C 259 -10.09 -14.79 -6.67
N ASP C 260 -10.29 -16.10 -6.65
CA ASP C 260 -9.87 -16.94 -7.78
C ASP C 260 -10.83 -18.06 -8.17
N ASN C 261 -11.78 -18.35 -7.29
CA ASN C 261 -12.75 -19.46 -7.50
C ASN C 261 -12.12 -20.86 -7.48
N GLN C 262 -11.14 -21.06 -6.59
CA GLN C 262 -10.49 -22.36 -6.42
C GLN C 262 -9.99 -22.64 -5.00
N THR C 263 -9.36 -21.64 -4.39
CA THR C 263 -8.76 -21.79 -3.06
C THR C 263 -9.83 -21.94 -1.98
N ASN C 264 -9.75 -23.01 -1.20
CA ASN C 264 -10.68 -23.22 -0.08
C ASN C 264 -10.69 -22.01 0.84
N ARG C 265 -11.88 -21.53 1.19
CA ARG C 265 -12.05 -20.33 2.03
C ARG C 265 -11.42 -20.47 3.41
N LEU C 266 -11.71 -21.58 4.08
CA LEU C 266 -11.15 -21.83 5.39
C LEU C 266 -9.64 -22.01 5.33
N GLN C 267 -9.17 -22.84 4.40
CA GLN C 267 -7.74 -23.01 4.19
C GLN C 267 -7.07 -21.66 4.03
N GLU C 268 -7.64 -20.82 3.17
CA GLU C 268 -7.23 -19.42 3.03
C GLU C 268 -7.17 -18.75 4.39
N ALA C 269 -8.24 -18.87 5.17
CA ALA C 269 -8.31 -18.25 6.50
C ALA C 269 -7.23 -18.76 7.46
N LEU C 270 -6.89 -20.05 7.33
CA LEU C 270 -5.85 -20.65 8.13
C LEU C 270 -4.46 -20.10 7.80
N ASN C 271 -4.16 -19.99 6.51
CA ASN C 271 -2.87 -19.46 6.06
C ASN C 271 -2.73 -17.99 6.39
N LEU C 272 -3.79 -17.23 6.12
CA LEU C 272 -3.85 -15.81 6.45
C LEU C 272 -3.63 -15.57 7.95
N PHE C 273 -4.24 -16.42 8.78
CA PHE C 273 -4.02 -16.37 10.23
C PHE C 273 -2.57 -16.67 10.56
N LYS C 274 -2.02 -17.69 9.89
CA LYS C 274 -0.63 -18.11 10.05
C LYS C 274 0.29 -16.97 9.66
N SER C 275 -0.08 -16.27 8.59
CA SER C 275 0.63 -15.08 8.09
C SER C 275 0.63 -13.94 9.10
N ILE C 276 -0.43 -13.83 9.89
CA ILE C 276 -0.54 -12.76 10.87
C ILE C 276 0.12 -13.14 12.20
N TRP C 277 -0.08 -14.40 12.60
CA TRP C 277 0.52 -14.95 13.82
C TRP C 277 2.05 -14.80 13.75
N ASN C 278 2.62 -15.13 12.59
CA ASN C 278 4.07 -15.19 12.41
C ASN C 278 4.64 -13.95 11.72
N ASN C 279 3.92 -12.84 11.83
CA ASN C 279 4.38 -11.58 11.25
C ASN C 279 5.58 -11.02 12.01
N ARG C 280 6.38 -10.20 11.31
CA ARG C 280 7.57 -9.58 11.88
C ARG C 280 7.29 -8.29 12.66
N TRP C 281 6.06 -7.78 12.55
CA TRP C 281 5.65 -6.60 13.30
C TRP C 281 4.48 -6.91 14.22
N LEU C 282 4.22 -8.20 14.42
CA LEU C 282 3.12 -8.64 15.27
C LEU C 282 3.55 -9.77 16.22
N ARG C 283 4.85 -9.78 16.53
CA ARG C 283 5.45 -10.78 17.42
C ARG C 283 4.89 -10.76 18.83
N THR C 284 4.51 -9.56 19.28
CA THR C 284 4.07 -9.33 20.66
C THR C 284 2.59 -8.99 20.74
N ILE C 285 2.03 -8.55 19.62
CA ILE C 285 0.63 -8.15 19.54
C ILE C 285 -0.27 -9.38 19.59
N SER C 286 -1.16 -9.41 20.58
CA SER C 286 -2.04 -10.56 20.80
C SER C 286 -3.27 -10.58 19.90
N VAL C 287 -3.79 -11.79 19.69
CA VAL C 287 -4.86 -12.02 18.72
C VAL C 287 -6.08 -12.63 19.39
N ILE C 288 -7.22 -11.95 19.24
CA ILE C 288 -8.51 -12.49 19.64
C ILE C 288 -9.16 -13.12 18.42
N LEU C 289 -9.19 -14.45 18.42
CA LEU C 289 -9.75 -15.22 17.31
C LEU C 289 -11.27 -15.34 17.45
N PHE C 290 -11.96 -14.87 16.41
CA PHE C 290 -13.42 -14.89 16.34
C PHE C 290 -13.89 -15.94 15.33
N LEU C 291 -13.98 -17.20 15.75
CA LEU C 291 -14.55 -18.24 14.90
C LEU C 291 -16.03 -17.94 14.68
N ASN C 292 -16.32 -17.28 13.57
CA ASN C 292 -17.63 -16.69 13.31
C ASN C 292 -18.54 -17.61 12.48
N LYS C 293 -19.79 -17.19 12.28
CA LYS C 293 -20.80 -17.93 11.50
C LYS C 293 -21.08 -19.31 12.08
N GLN C 294 -21.24 -19.32 13.41
CA GLN C 294 -21.46 -20.55 14.17
C GLN C 294 -22.80 -21.20 13.86
N ASP C 295 -23.81 -20.37 13.70
CA ASP C 295 -25.14 -20.82 13.30
C ASP C 295 -25.05 -21.55 11.98
N LEU C 296 -24.49 -20.87 10.98
CA LEU C 296 -24.33 -21.40 9.63
C LEU C 296 -23.54 -22.70 9.64
N LEU C 297 -22.52 -22.78 10.49
CA LEU C 297 -21.75 -24.00 10.69
C LEU C 297 -22.64 -25.12 11.22
N ALA C 298 -23.19 -24.88 12.40
CA ALA C 298 -24.07 -25.82 13.09
C ALA C 298 -25.10 -26.47 12.18
N GLU C 299 -25.76 -25.66 11.35
CA GLU C 299 -26.80 -26.14 10.45
C GLU C 299 -26.18 -27.04 9.39
N LYS C 300 -25.11 -26.55 8.75
CA LYS C 300 -24.38 -27.28 7.71
C LYS C 300 -23.94 -28.64 8.21
N VAL C 301 -23.43 -28.65 9.45
CA VAL C 301 -23.05 -29.88 10.13
C VAL C 301 -24.28 -30.78 10.31
N LEU C 302 -25.28 -30.29 11.04
CA LEU C 302 -26.43 -31.13 11.41
C LEU C 302 -27.17 -31.73 10.22
N ALA C 303 -27.39 -30.93 9.19
CA ALA C 303 -28.05 -31.38 7.96
C ALA C 303 -27.36 -32.60 7.36
N GLY C 304 -26.02 -32.59 7.37
CA GLY C 304 -25.20 -33.72 6.94
C GLY C 304 -25.13 -33.95 5.43
N LYS C 305 -25.10 -32.87 4.66
CA LYS C 305 -24.96 -32.98 3.21
C LYS C 305 -23.48 -33.02 2.80
N SER C 306 -22.85 -31.86 2.75
CA SER C 306 -21.41 -31.80 2.50
C SER C 306 -20.65 -31.84 3.82
N LYS C 307 -20.11 -33.03 4.12
CA LYS C 307 -19.39 -33.28 5.36
C LYS C 307 -18.06 -32.53 5.46
N ILE C 308 -17.52 -32.46 6.68
CA ILE C 308 -16.25 -31.77 6.94
C ILE C 308 -15.02 -32.55 6.47
N GLU C 309 -15.05 -33.87 6.65
CA GLU C 309 -13.91 -34.74 6.29
C GLU C 309 -13.75 -34.93 4.78
N ASP C 310 -14.74 -34.48 4.01
CA ASP C 310 -14.68 -34.54 2.55
C ASP C 310 -13.87 -33.38 1.96
N TYR C 311 -13.64 -32.35 2.77
CA TYR C 311 -12.81 -31.21 2.37
C TYR C 311 -11.53 -31.14 3.20
N PHE C 312 -11.68 -31.17 4.52
CA PHE C 312 -10.56 -31.20 5.45
C PHE C 312 -10.48 -32.59 6.09
N PRO C 313 -9.71 -33.50 5.46
CA PRO C 313 -9.69 -34.94 5.79
C PRO C 313 -9.16 -35.26 7.18
N GLU C 314 -8.40 -34.34 7.78
CA GLU C 314 -7.81 -34.54 9.09
C GLU C 314 -8.85 -34.59 10.23
N PHE C 315 -10.11 -34.34 9.89
CA PHE C 315 -11.23 -34.46 10.82
C PHE C 315 -11.56 -35.93 11.12
N ALA C 316 -11.16 -36.80 10.19
CA ALA C 316 -11.44 -38.23 10.28
C ALA C 316 -10.81 -38.90 11.51
N ARG C 317 -9.81 -38.26 12.09
CA ARG C 317 -9.12 -38.82 13.26
C ARG C 317 -9.47 -38.06 14.54
N TYR C 318 -9.83 -36.79 14.39
CA TYR C 318 -10.10 -35.89 15.51
C TYR C 318 -11.31 -36.29 16.35
N THR C 319 -11.15 -36.30 17.66
CA THR C 319 -12.27 -36.47 18.60
C THR C 319 -12.41 -35.25 19.50
N THR C 320 -13.54 -35.17 20.20
CA THR C 320 -13.89 -34.02 21.03
C THR C 320 -12.98 -33.89 22.27
N PRO C 321 -12.52 -32.66 22.58
CA PRO C 321 -11.59 -32.44 23.69
C PRO C 321 -12.26 -32.44 25.08
N GLU C 322 -11.46 -32.44 26.14
CA GLU C 322 -11.97 -32.58 27.51
C GLU C 322 -12.20 -31.24 28.20
N ASP C 323 -11.44 -30.23 27.79
CA ASP C 323 -11.64 -28.86 28.24
C ASP C 323 -12.87 -28.26 27.56
N ALA C 324 -13.47 -29.03 26.64
CA ALA C 324 -14.60 -28.59 25.84
C ALA C 324 -15.84 -28.32 26.67
N THR C 325 -16.28 -27.07 26.65
CA THR C 325 -17.50 -26.65 27.35
C THR C 325 -18.58 -26.37 26.31
N PRO C 326 -19.45 -27.36 26.05
CA PRO C 326 -20.51 -27.17 25.06
C PRO C 326 -21.61 -26.23 25.57
N GLU C 327 -22.38 -25.67 24.64
CA GLU C 327 -23.54 -24.86 24.99
C GLU C 327 -24.67 -25.77 25.47
N PRO C 328 -25.52 -25.28 26.39
CA PRO C 328 -26.58 -26.12 26.96
C PRO C 328 -27.42 -26.82 25.88
N GLY C 329 -27.31 -28.15 25.84
CA GLY C 329 -28.02 -28.96 24.85
C GLY C 329 -27.61 -28.64 23.44
N GLU C 330 -26.37 -28.94 23.10
CA GLU C 330 -25.84 -28.77 21.76
C GLU C 330 -25.34 -30.11 21.26
N ASP C 331 -25.84 -30.54 20.10
CA ASP C 331 -25.48 -31.82 19.51
C ASP C 331 -23.96 -32.03 19.52
N PRO C 332 -23.49 -33.17 20.10
CA PRO C 332 -22.07 -33.54 20.16
C PRO C 332 -21.29 -33.30 18.85
N ARG C 333 -21.97 -33.50 17.72
CA ARG C 333 -21.35 -33.33 16.41
C ARG C 333 -20.99 -31.85 16.12
N VAL C 334 -21.86 -30.94 16.54
CA VAL C 334 -21.61 -29.49 16.42
C VAL C 334 -20.43 -29.10 17.30
N THR C 335 -20.43 -29.59 18.54
CA THR C 335 -19.30 -29.43 19.46
C THR C 335 -18.03 -29.94 18.77
N ARG C 336 -18.08 -31.20 18.34
CA ARG C 336 -16.97 -31.87 17.68
C ARG C 336 -16.40 -31.00 16.56
N ALA C 337 -17.27 -30.40 15.75
CA ALA C 337 -16.87 -29.65 14.57
C ALA C 337 -16.22 -28.31 14.88
N LYS C 338 -16.87 -27.49 15.69
CA LYS C 338 -16.38 -26.12 15.94
C LYS C 338 -15.10 -26.11 16.76
N TYR C 339 -14.95 -27.12 17.61
CA TYR C 339 -13.72 -27.35 18.37
C TYR C 339 -12.64 -28.02 17.51
N PHE C 340 -13.04 -28.59 16.38
CA PHE C 340 -12.08 -29.04 15.39
C PHE C 340 -11.53 -27.80 14.71
N ILE C 341 -12.44 -26.96 14.23
CA ILE C 341 -12.10 -25.68 13.60
C ILE C 341 -11.32 -24.76 14.54
N ARG C 342 -11.58 -24.87 15.84
CA ARG C 342 -10.85 -24.08 16.83
C ARG C 342 -9.39 -24.51 16.89
N ASP C 343 -9.18 -25.81 17.07
CA ASP C 343 -7.85 -26.39 17.24
C ASP C 343 -7.01 -26.28 15.98
N GLU C 344 -7.69 -26.18 14.83
CA GLU C 344 -7.02 -25.95 13.55
C GLU C 344 -6.24 -24.64 13.56
N PHE C 345 -6.81 -23.61 14.16
CA PHE C 345 -6.14 -22.32 14.29
C PHE C 345 -5.20 -22.28 15.48
N LEU C 346 -5.47 -23.11 16.48
CA LEU C 346 -4.62 -23.18 17.66
C LEU C 346 -3.31 -23.93 17.39
N ARG C 347 -3.38 -24.99 16.60
CA ARG C 347 -2.17 -25.70 16.15
C ARG C 347 -1.21 -24.73 15.48
N ILE C 348 -1.77 -23.86 14.63
CA ILE C 348 -1.03 -22.77 14.00
C ILE C 348 -0.41 -21.83 15.05
N SER C 349 -1.09 -21.70 16.19
CA SER C 349 -0.67 -20.76 17.22
C SER C 349 0.09 -21.38 18.38
N THR C 350 0.02 -22.70 18.53
CA THR C 350 0.76 -23.37 19.59
C THR C 350 2.19 -23.64 19.15
N ALA C 351 2.49 -23.33 17.89
CA ALA C 351 3.84 -23.50 17.35
C ALA C 351 4.81 -22.38 17.76
N SER C 352 4.61 -21.19 17.22
CA SER C 352 5.52 -20.06 17.46
C SER C 352 4.93 -19.05 18.44
N GLY C 353 5.74 -18.03 18.77
CA GLY C 353 5.35 -16.99 19.72
C GLY C 353 6.09 -17.10 21.04
N ASP C 354 5.88 -18.25 21.72
CA ASP C 354 6.52 -18.59 23.00
C ASP C 354 6.27 -17.55 24.10
N GLY C 355 4.99 -17.35 24.43
CA GLY C 355 4.61 -16.44 25.51
C GLY C 355 4.77 -14.96 25.23
N ARG C 356 5.27 -14.60 24.05
CA ARG C 356 5.47 -13.21 23.66
C ARG C 356 4.13 -12.55 23.29
N HIS C 357 3.32 -13.26 22.50
CA HIS C 357 1.92 -12.89 22.23
C HIS C 357 0.99 -14.07 22.50
N TYR C 358 -0.33 -13.83 22.52
CA TYR C 358 -1.30 -14.88 22.86
C TYR C 358 -2.54 -14.92 21.97
N CYS C 359 -3.19 -16.09 21.94
CA CYS C 359 -4.37 -16.33 21.13
C CYS C 359 -5.60 -16.64 21.98
N TYR C 360 -6.76 -16.10 21.58
CA TYR C 360 -8.00 -16.21 22.35
C TYR C 360 -9.19 -16.74 21.52
N PRO C 361 -9.50 -18.04 21.68
CA PRO C 361 -10.59 -18.68 20.92
C PRO C 361 -11.98 -18.23 21.35
N HIS C 362 -12.87 -18.03 20.38
CA HIS C 362 -14.25 -17.62 20.63
C HIS C 362 -15.19 -18.20 19.57
N PHE C 363 -16.27 -18.83 20.03
CA PHE C 363 -17.31 -19.29 19.12
C PHE C 363 -18.35 -18.21 19.01
N THR C 364 -18.47 -17.64 17.81
CA THR C 364 -19.23 -16.41 17.61
C THR C 364 -20.19 -16.41 16.40
N CYS C 365 -21.24 -15.60 16.52
CA CYS C 365 -22.24 -15.39 15.49
C CYS C 365 -22.47 -13.86 15.40
N ALA C 366 -21.78 -13.22 14.46
CA ALA C 366 -21.72 -11.76 14.39
C ALA C 366 -23.05 -11.04 14.19
N VAL C 367 -24.02 -11.72 13.57
CA VAL C 367 -25.36 -11.15 13.32
C VAL C 367 -26.25 -11.17 14.58
N ASP C 368 -25.92 -12.08 15.49
CA ASP C 368 -26.59 -12.22 16.78
C ASP C 368 -25.98 -11.23 17.79
N THR C 369 -26.77 -10.22 18.17
CA THR C 369 -26.28 -9.16 19.07
C THR C 369 -26.07 -9.69 20.49
N GLU C 370 -26.78 -10.76 20.82
CA GLU C 370 -26.72 -11.36 22.15
C GLU C 370 -25.41 -12.11 22.38
N ASN C 371 -24.95 -12.80 21.34
CA ASN C 371 -23.68 -13.50 21.37
C ASN C 371 -22.50 -12.53 21.37
N ILE C 372 -22.64 -11.46 20.59
CA ILE C 372 -21.59 -10.45 20.44
C ILE C 372 -21.40 -9.57 21.68
N ARG C 373 -22.50 -9.15 22.31
CA ARG C 373 -22.40 -8.45 23.59
C ARG C 373 -21.60 -9.31 24.57
N ARG C 374 -22.04 -10.56 24.70
CA ARG C 374 -21.39 -11.56 25.54
C ARG C 374 -19.88 -11.64 25.33
N VAL C 375 -19.46 -11.81 24.08
CA VAL C 375 -18.04 -12.06 23.79
C VAL C 375 -17.14 -10.81 23.75
N PHE C 376 -17.69 -9.66 23.35
CA PHE C 376 -16.88 -8.44 23.32
C PHE C 376 -16.50 -7.95 24.73
N ASN C 377 -17.31 -8.30 25.72
CA ASN C 377 -16.93 -8.10 27.13
C ASN C 377 -15.78 -9.02 27.49
N ASP C 378 -15.97 -10.32 27.19
CA ASP C 378 -14.94 -11.34 27.33
C ASP C 378 -13.61 -10.84 26.74
N CYS C 379 -13.72 -9.91 25.79
CA CYS C 379 -12.56 -9.26 25.20
C CYS C 379 -12.11 -8.07 26.04
N ARG C 380 -13.05 -7.18 26.37
CA ARG C 380 -12.76 -6.00 27.20
C ARG C 380 -12.03 -6.39 28.48
N ASP C 381 -12.52 -7.44 29.14
CA ASP C 381 -11.86 -8.04 30.29
C ASP C 381 -10.40 -8.36 29.97
N ILE C 382 -10.19 -9.07 28.87
CA ILE C 382 -8.86 -9.55 28.46
C ILE C 382 -7.89 -8.47 28.00
N ILE C 383 -8.40 -7.32 27.55
CA ILE C 383 -7.55 -6.16 27.27
C ILE C 383 -6.97 -5.60 28.58
N GLN C 384 -7.86 -5.35 29.56
CA GLN C 384 -7.47 -4.80 30.86
C GLN C 384 -6.61 -5.79 31.63
N ARG C 385 -6.98 -7.07 31.58
CA ARG C 385 -6.30 -8.14 32.31
C ARG C 385 -4.81 -8.23 32.01
N MET C 386 -4.46 -8.28 30.73
CA MET C 386 -3.07 -8.49 30.33
C MET C 386 -2.25 -7.20 30.28
N HIS C 387 -2.87 -6.10 30.73
CA HIS C 387 -2.21 -4.79 30.87
C HIS C 387 -1.61 -4.27 29.56
N LEU C 388 -2.42 -4.32 28.49
CA LEU C 388 -2.01 -3.90 27.16
C LEU C 388 -2.38 -2.44 26.90
#